data_3HGV
#
_entry.id   3HGV
#
_cell.length_a   68.836
_cell.length_b   110.143
_cell.length_c   112.044
_cell.angle_alpha   90.00
_cell.angle_beta   90.00
_cell.angle_gamma   90.00
#
_symmetry.space_group_name_H-M   'P 21 21 21'
#
loop_
_entity.id
_entity.type
_entity.pdbx_description
1 polymer EhpF
2 water water
#
_entity_poly.entity_id   1
_entity_poly.type   'polypeptide(L)'
_entity_poly.pdbx_seq_one_letter_code
;GSH(MSE)KDYSLEIDAV(MSE)KAAQINDTNNFVQAL(MSE)RWHFSKETGSPFWLG(MSE)REQLNFDPIKDVKTIND
LRQFSDISHCLRQEPVANLVPQGLPADSHPQVYESGGTTGAPKYVVAYDAWIEALISWR(MSE)SGYQHRPGRPSGNTLA
AIPTGPHIVGAINKERALRLGG(MSE)FFSIDIDPRWVKRSLSEGDTATVRKYTHHLVDQVQNTL(MSE)NQDIRFLVTT
PPVLRELLKRPEVVLQ(MSE)KQSLAQITLGGTELNLDEIKFIASEILPDCEFSASYGSTSALGVSRSLLITSESQQVIY
DSFSPFITYDVVDSITAQTVEYGERGNVIVTHLSPWAFYPRVAERDTAIRLPGVSGFAGDRLADIEPLKISEGRKVIEGV
Y
;
_entity_poly.pdbx_strand_id   A,B
#
# COMPACT_ATOMS: atom_id res chain seq x y z
N LYS A 5 -26.94 -20.15 -5.14
CA LYS A 5 -26.33 -18.77 -5.13
C LYS A 5 -25.41 -18.38 -3.98
N ASP A 6 -25.60 -18.89 -2.78
CA ASP A 6 -24.55 -18.68 -1.78
C ASP A 6 -23.72 -19.96 -1.79
N TYR A 7 -22.39 -19.82 -1.69
CA TYR A 7 -21.45 -20.94 -1.75
C TYR A 7 -20.51 -21.01 -0.55
N SER A 8 -20.94 -20.45 0.58
CA SER A 8 -20.24 -20.55 1.86
C SER A 8 -19.90 -21.97 2.29
N LEU A 9 -20.78 -22.93 1.95
CA LEU A 9 -20.63 -24.28 2.45
C LEU A 9 -19.62 -24.99 1.62
N GLU A 10 -19.76 -24.87 0.34
CA GLU A 10 -18.77 -25.35 -0.60
C GLU A 10 -17.36 -24.83 -0.26
N ILE A 11 -17.23 -23.54 0.06
CA ILE A 11 -15.93 -22.96 0.25
C ILE A 11 -15.37 -23.55 1.51
N ASP A 12 -16.23 -23.60 2.54
CA ASP A 12 -15.82 -24.13 3.86
C ASP A 12 -15.37 -25.57 3.73
N ALA A 13 -16.04 -26.33 2.89
CA ALA A 13 -15.73 -27.77 2.68
C ALA A 13 -14.32 -27.95 2.12
N VAL A 14 -13.95 -27.11 1.17
CA VAL A 14 -12.59 -27.04 0.65
C VAL A 14 -11.54 -26.72 1.71
N LYS A 16 -11.78 -27.20 4.82
CA LYS A 16 -11.79 -28.31 5.79
C LYS A 16 -10.95 -29.42 5.20
N ALA A 17 -11.15 -29.78 3.91
CA ALA A 17 -10.34 -30.80 3.30
C ALA A 17 -8.79 -30.48 3.30
N ALA A 18 -8.44 -29.19 3.19
CA ALA A 18 -7.08 -28.79 3.18
C ALA A 18 -6.60 -28.91 4.63
N GLN A 19 -7.37 -28.36 5.56
CA GLN A 19 -7.06 -28.48 6.98
C GLN A 19 -6.59 -29.89 7.40
N ILE A 20 -7.24 -30.94 6.90
CA ILE A 20 -6.99 -32.33 7.31
C ILE A 20 -6.16 -33.14 6.31
N ASN A 21 -5.56 -32.43 5.33
CA ASN A 21 -4.77 -33.02 4.25
C ASN A 21 -5.46 -34.11 3.44
N ASP A 22 -6.75 -33.94 3.24
CA ASP A 22 -7.41 -34.82 2.31
C ASP A 22 -7.19 -34.24 0.92
N THR A 23 -5.96 -34.39 0.41
CA THR A 23 -5.57 -33.62 -0.77
C THR A 23 -6.30 -34.05 -2.00
N ASN A 24 -6.66 -35.32 -2.10
CA ASN A 24 -7.41 -35.75 -3.29
C ASN A 24 -8.79 -35.09 -3.44
N ASN A 25 -9.52 -35.06 -2.33
CA ASN A 25 -10.84 -34.45 -2.28
C ASN A 25 -10.77 -32.95 -2.37
N PHE A 26 -9.67 -32.39 -1.86
CA PHE A 26 -9.39 -30.97 -1.99
C PHE A 26 -9.21 -30.60 -3.48
N VAL A 27 -8.34 -31.29 -4.18
CA VAL A 27 -8.15 -31.07 -5.62
C VAL A 27 -9.47 -31.29 -6.39
N GLN A 28 -10.15 -32.39 -6.14
CA GLN A 28 -11.31 -32.73 -6.97
C GLN A 28 -12.44 -31.72 -6.83
N ALA A 29 -12.65 -31.28 -5.60
CA ALA A 29 -13.60 -30.27 -5.25
C ALA A 29 -13.32 -28.89 -5.87
N LEU A 30 -12.05 -28.52 -5.92
CA LEU A 30 -11.62 -27.29 -6.57
C LEU A 30 -11.59 -27.37 -8.09
N ARG A 32 -14.15 -28.95 -9.73
CA ARG A 32 -15.57 -28.62 -9.82
C ARG A 32 -15.76 -27.11 -9.61
N TRP A 33 -15.18 -26.60 -8.54
CA TRP A 33 -15.33 -25.17 -8.24
C TRP A 33 -14.95 -24.27 -9.45
N HIS A 34 -13.73 -24.47 -9.93
CA HIS A 34 -13.15 -23.68 -10.94
C HIS A 34 -13.68 -23.88 -12.33
N PHE A 35 -14.27 -25.07 -12.59
CA PHE A 35 -14.79 -25.38 -13.91
C PHE A 35 -16.34 -25.48 -13.97
N SER A 36 -17.03 -25.18 -12.89
CA SER A 36 -18.47 -25.19 -12.97
CA SER A 36 -18.50 -25.17 -12.90
C SER A 36 -19.05 -23.83 -13.33
N LYS A 37 -20.05 -23.85 -14.22
CA LYS A 37 -20.61 -22.60 -14.80
C LYS A 37 -21.14 -21.65 -13.76
N GLU A 38 -21.52 -22.23 -12.64
CA GLU A 38 -22.08 -21.52 -11.53
C GLU A 38 -21.04 -20.77 -10.72
N THR A 39 -19.86 -21.37 -10.54
CA THR A 39 -18.93 -20.89 -9.52
C THR A 39 -17.59 -20.44 -10.05
N GLY A 40 -17.17 -21.01 -11.20
CA GLY A 40 -15.89 -20.81 -11.85
C GLY A 40 -15.68 -19.36 -12.29
N SER A 41 -14.43 -19.04 -12.60
CA SER A 41 -14.06 -17.77 -13.19
C SER A 41 -14.28 -17.79 -14.69
N PRO A 42 -14.71 -16.64 -15.26
CA PRO A 42 -14.78 -16.58 -16.77
C PRO A 42 -13.52 -17.03 -17.48
N PHE A 43 -12.35 -16.67 -16.98
CA PHE A 43 -11.08 -17.11 -17.57
C PHE A 43 -10.92 -18.63 -17.69
N TRP A 44 -11.10 -19.39 -16.59
CA TRP A 44 -10.97 -20.84 -16.70
C TRP A 44 -12.17 -21.47 -17.38
N LEU A 45 -13.35 -20.87 -17.18
CA LEU A 45 -14.55 -21.30 -17.91
C LEU A 45 -14.29 -21.22 -19.40
N GLY A 46 -13.69 -20.12 -19.83
CA GLY A 46 -13.34 -19.94 -21.26
C GLY A 46 -12.20 -20.83 -21.73
N ARG A 48 -11.55 -23.99 -20.56
CA ARG A 48 -11.88 -25.40 -20.51
C ARG A 48 -11.82 -26.11 -21.88
N GLU A 49 -12.38 -25.45 -22.90
CA GLU A 49 -12.51 -26.06 -24.20
C GLU A 49 -11.23 -26.10 -25.00
N GLN A 50 -10.20 -25.37 -24.62
CA GLN A 50 -8.92 -25.75 -25.19
C GLN A 50 -8.05 -26.73 -24.44
N LEU A 51 -8.52 -27.30 -23.31
CA LEU A 51 -7.74 -28.36 -22.67
C LEU A 51 -7.84 -29.68 -23.46
N ASN A 52 -6.74 -30.46 -23.53
CA ASN A 52 -6.82 -31.89 -24.08
C ASN A 52 -7.30 -32.89 -23.06
N PHE A 53 -7.95 -32.46 -22.00
CA PHE A 53 -8.38 -33.41 -20.97
C PHE A 53 -9.57 -32.76 -20.31
N ASP A 54 -10.30 -33.55 -19.53
CA ASP A 54 -11.37 -33.05 -18.72
C ASP A 54 -10.86 -32.79 -17.31
N PRO A 55 -10.76 -31.51 -16.89
CA PRO A 55 -10.23 -31.19 -15.55
C PRO A 55 -11.12 -31.82 -14.42
N ILE A 56 -12.37 -32.04 -14.76
CA ILE A 56 -13.24 -32.65 -13.80
C ILE A 56 -13.15 -34.20 -13.67
N LYS A 57 -13.07 -34.92 -14.79
CA LYS A 57 -13.00 -36.34 -14.78
C LYS A 57 -11.58 -36.92 -14.75
N ASP A 58 -10.62 -36.22 -15.37
CA ASP A 58 -9.22 -36.67 -15.51
C ASP A 58 -8.22 -36.13 -14.50
N VAL A 59 -8.68 -35.51 -13.42
CA VAL A 59 -7.74 -34.94 -12.43
C VAL A 59 -8.18 -35.51 -11.05
N LYS A 60 -7.29 -36.24 -10.39
CA LYS A 60 -7.69 -36.81 -9.08
C LYS A 60 -6.83 -36.35 -7.97
N THR A 61 -5.56 -36.15 -8.32
CA THR A 61 -4.55 -35.85 -7.37
C THR A 61 -3.78 -34.57 -7.75
N ILE A 62 -2.93 -34.12 -6.84
CA ILE A 62 -2.09 -32.97 -7.13
C ILE A 62 -1.19 -33.21 -8.35
N ASN A 63 -0.58 -34.40 -8.41
CA ASN A 63 0.34 -34.75 -9.50
C ASN A 63 -0.38 -34.70 -10.86
N ASP A 64 -1.63 -35.11 -10.89
CA ASP A 64 -2.49 -34.98 -12.05
C ASP A 64 -2.64 -33.54 -12.62
N LEU A 65 -2.43 -32.51 -11.81
CA LEU A 65 -2.40 -31.15 -12.31
C LEU A 65 -1.28 -30.90 -13.29
N ARG A 66 -0.29 -31.85 -13.42
CA ARG A 66 0.83 -31.76 -14.39
C ARG A 66 0.32 -31.66 -15.83
N GLN A 67 -0.95 -32.00 -16.01
CA GLN A 67 -1.56 -31.99 -17.33
C GLN A 67 -1.88 -30.58 -17.79
N PHE A 68 -1.89 -29.62 -16.86
CA PHE A 68 -2.11 -28.20 -17.19
C PHE A 68 -0.80 -27.56 -17.60
N SER A 69 -0.90 -26.56 -18.42
CA SER A 69 0.24 -25.76 -18.73
C SER A 69 0.15 -24.46 -18.02
N ASP A 70 1.34 -23.87 -17.91
CA ASP A 70 1.55 -22.55 -17.43
C ASP A 70 0.82 -21.51 -18.36
N ILE A 71 -0.13 -20.77 -17.81
CA ILE A 71 -0.92 -19.83 -18.60
C ILE A 71 -0.51 -18.40 -18.33
N SER A 72 0.56 -18.23 -17.57
CA SER A 72 1.01 -16.93 -17.10
C SER A 72 1.05 -15.72 -18.10
N HIS A 73 1.34 -15.96 -19.37
CA HIS A 73 1.26 -14.94 -20.43
CA HIS A 73 1.25 -14.90 -20.42
C HIS A 73 -0.15 -14.26 -20.54
N CYS A 74 -1.21 -15.07 -20.45
CA CYS A 74 -2.58 -14.51 -20.56
C CYS A 74 -2.88 -13.41 -19.53
N LEU A 75 -2.05 -13.28 -18.50
CA LEU A 75 -2.44 -12.40 -17.37
C LEU A 75 -2.07 -10.92 -17.57
N ARG A 76 -1.23 -10.65 -18.57
CA ARG A 76 -1.03 -9.26 -19.10
C ARG A 76 -2.31 -8.53 -19.62
N GLN A 77 -3.21 -9.23 -20.35
CA GLN A 77 -4.40 -8.54 -20.93
C GLN A 77 -5.67 -9.28 -20.71
N GLU A 78 -5.60 -10.37 -19.96
CA GLU A 78 -6.85 -10.90 -19.47
C GLU A 78 -7.46 -9.76 -18.63
N PRO A 79 -8.67 -9.30 -18.97
CA PRO A 79 -9.33 -8.37 -18.03
C PRO A 79 -9.41 -9.02 -16.63
N VAL A 80 -8.94 -8.29 -15.60
CA VAL A 80 -8.94 -8.80 -14.20
C VAL A 80 -10.24 -9.30 -13.61
N ALA A 81 -11.38 -8.70 -13.99
CA ALA A 81 -12.72 -9.21 -13.58
C ALA A 81 -12.90 -10.67 -14.02
N ASN A 82 -12.32 -11.03 -15.15
CA ASN A 82 -12.36 -12.42 -15.60
C ASN A 82 -11.68 -13.50 -14.71
N LEU A 83 -10.86 -13.07 -13.76
CA LEU A 83 -10.13 -13.98 -12.87
C LEU A 83 -10.96 -14.29 -11.63
N VAL A 84 -12.10 -13.61 -11.50
CA VAL A 84 -12.88 -13.64 -10.25
C VAL A 84 -13.85 -14.82 -10.30
N PRO A 85 -13.66 -15.88 -9.44
CA PRO A 85 -14.71 -16.93 -9.46
C PRO A 85 -16.06 -16.37 -9.09
N GLN A 86 -17.09 -16.75 -9.86
CA GLN A 86 -18.45 -16.28 -9.60
C GLN A 86 -18.96 -16.83 -8.26
N GLY A 87 -18.41 -17.95 -7.76
CA GLY A 87 -18.96 -18.46 -6.50
C GLY A 87 -18.50 -17.75 -5.23
N LEU A 88 -17.57 -16.78 -5.31
CA LEU A 88 -17.08 -16.08 -4.07
C LEU A 88 -18.20 -15.17 -3.50
N PRO A 89 -18.28 -14.95 -2.17
CA PRO A 89 -19.39 -14.10 -1.65
C PRO A 89 -19.23 -12.61 -2.08
N ALA A 90 -20.26 -11.77 -1.93
CA ALA A 90 -20.13 -10.35 -2.38
C ALA A 90 -19.22 -9.50 -1.51
N ASP A 91 -19.05 -9.88 -0.26
CA ASP A 91 -18.12 -9.17 0.63
C ASP A 91 -16.63 -9.49 0.37
N SER A 92 -16.30 -10.18 -0.72
CA SER A 92 -14.99 -10.82 -0.76
C SER A 92 -13.79 -9.85 -0.90
N HIS A 93 -13.97 -8.70 -1.61
CA HIS A 93 -12.92 -7.60 -1.62
C HIS A 93 -11.71 -7.91 -2.55
N PRO A 94 -11.96 -8.04 -3.87
CA PRO A 94 -10.89 -8.33 -4.88
C PRO A 94 -9.95 -7.17 -5.03
N GLN A 95 -8.67 -7.49 -5.05
CA GLN A 95 -7.67 -6.49 -5.15
C GLN A 95 -6.71 -6.93 -6.22
N VAL A 96 -6.11 -6.01 -6.95
CA VAL A 96 -5.20 -6.29 -8.04
C VAL A 96 -3.76 -6.18 -7.59
N TYR A 97 -2.97 -7.18 -7.94
CA TYR A 97 -1.53 -7.13 -7.71
C TYR A 97 -0.86 -7.51 -8.98
N GLU A 98 0.42 -7.21 -9.10
CA GLU A 98 1.12 -7.35 -10.38
C GLU A 98 2.42 -8.02 -10.13
N SER A 99 2.91 -8.75 -11.14
CA SER A 99 4.34 -9.14 -11.31
C SER A 99 4.91 -8.92 -12.73
N GLY A 100 6.22 -8.70 -12.82
CA GLY A 100 6.93 -8.58 -14.12
C GLY A 100 6.81 -7.31 -15.01
N GLY A 101 6.92 -6.12 -14.41
CA GLY A 101 7.15 -4.88 -15.18
C GLY A 101 8.49 -4.94 -15.91
N THR A 102 9.41 -4.03 -15.52
CA THR A 102 10.81 -4.05 -16.05
C THR A 102 11.06 -5.03 -17.22
N THR A 103 10.77 -4.54 -18.44
CA THR A 103 11.07 -5.22 -19.70
C THR A 103 10.57 -6.69 -19.72
N GLY A 104 9.28 -6.88 -19.99
CA GLY A 104 8.32 -5.82 -20.33
C GLY A 104 7.10 -6.10 -19.47
N ALA A 105 6.15 -5.15 -19.45
CA ALA A 105 5.27 -5.04 -18.30
C ALA A 105 3.82 -5.64 -18.38
N PRO A 106 3.11 -5.81 -17.23
CA PRO A 106 3.15 -6.62 -15.99
C PRO A 106 1.98 -7.65 -16.06
N LYS A 107 2.12 -8.80 -15.42
CA LYS A 107 1.00 -9.72 -15.26
CA LYS A 107 1.00 -9.71 -15.24
C LYS A 107 0.10 -9.10 -14.18
N TYR A 108 -1.22 -9.05 -14.41
CA TYR A 108 -2.25 -8.65 -13.38
C TYR A 108 -3.02 -9.81 -12.83
N VAL A 109 -2.94 -10.02 -11.53
CA VAL A 109 -3.72 -11.00 -10.84
C VAL A 109 -4.63 -10.31 -9.77
N VAL A 110 -5.62 -11.08 -9.33
CA VAL A 110 -6.48 -10.74 -8.22
C VAL A 110 -6.23 -11.62 -7.00
N ALA A 111 -6.31 -10.98 -5.85
CA ALA A 111 -6.21 -11.62 -4.52
C ALA A 111 -7.26 -10.97 -3.60
N TYR A 112 -7.52 -11.60 -2.48
CA TYR A 112 -8.62 -11.32 -1.61
C TYR A 112 -8.08 -11.37 -0.19
N ASP A 113 -8.55 -10.47 0.67
CA ASP A 113 -8.34 -10.53 2.15
C ASP A 113 -8.44 -11.91 2.83
N ALA A 114 -9.47 -12.71 2.55
CA ALA A 114 -9.62 -13.96 3.22
C ALA A 114 -8.53 -14.96 2.85
N TRP A 115 -8.13 -14.95 1.58
CA TRP A 115 -6.94 -15.66 1.17
C TRP A 115 -5.67 -15.23 1.96
N ILE A 116 -5.43 -13.93 2.07
CA ILE A 116 -4.22 -13.43 2.74
C ILE A 116 -4.27 -13.75 4.25
N GLU A 117 -5.47 -13.69 4.84
CA GLU A 117 -5.65 -14.10 6.19
C GLU A 117 -5.34 -15.58 6.42
N ALA A 118 -5.82 -16.46 5.55
CA ALA A 118 -5.52 -17.90 5.66
C ALA A 118 -3.98 -18.11 5.56
N LEU A 119 -3.32 -17.44 4.61
CA LEU A 119 -1.89 -17.60 4.39
C LEU A 119 -1.09 -17.18 5.60
N ILE A 120 -1.48 -16.09 6.26
CA ILE A 120 -0.77 -15.58 7.44
C ILE A 120 -1.02 -16.45 8.74
N SER A 121 -2.23 -16.97 8.90
CA SER A 121 -2.47 -17.95 9.98
C SER A 121 -1.61 -19.18 9.70
N TRP A 122 -1.51 -19.67 8.47
CA TRP A 122 -0.48 -20.67 8.24
C TRP A 122 0.94 -20.22 8.65
N ARG A 123 1.45 -19.11 8.12
CA ARG A 123 2.83 -18.70 8.36
C ARG A 123 3.13 -18.53 9.84
N SER A 125 2.05 -20.00 12.24
CA SER A 125 1.73 -21.16 13.02
C SER A 125 2.94 -21.79 13.72
N ARG A 133 6.43 -15.09 21.64
CA ARG A 133 6.56 -14.16 22.77
C ARG A 133 6.68 -12.71 22.27
N PRO A 134 7.72 -12.37 21.45
CA PRO A 134 7.89 -10.92 21.18
C PRO A 134 6.71 -10.36 20.36
N SER A 135 6.43 -9.10 20.58
CA SER A 135 5.36 -8.44 19.85
C SER A 135 5.76 -6.98 19.77
N GLY A 136 5.17 -6.26 18.83
CA GLY A 136 5.62 -4.91 18.54
C GLY A 136 5.46 -4.55 17.09
N ASN A 137 6.04 -3.39 16.79
CA ASN A 137 6.03 -2.74 15.50
C ASN A 137 6.91 -3.44 14.50
N THR A 138 6.42 -3.47 13.27
CA THR A 138 7.16 -4.00 12.14
C THR A 138 7.54 -2.87 11.18
N LEU A 139 8.78 -2.90 10.71
CA LEU A 139 9.21 -2.08 9.59
C LEU A 139 9.49 -3.04 8.42
N ALA A 140 8.60 -2.99 7.43
CA ALA A 140 8.79 -3.79 6.28
C ALA A 140 9.33 -2.89 5.22
N ALA A 141 10.63 -2.91 5.05
CA ALA A 141 11.30 -2.10 4.03
C ALA A 141 11.22 -2.75 2.61
N ILE A 142 10.00 -2.92 2.12
CA ILE A 142 9.73 -3.69 0.94
C ILE A 142 8.66 -2.95 0.14
N PRO A 143 8.53 -3.26 -1.20
CA PRO A 143 7.53 -2.69 -2.04
C PRO A 143 6.09 -2.85 -1.53
N THR A 144 5.30 -1.79 -1.70
CA THR A 144 3.86 -1.88 -1.55
C THR A 144 3.24 -1.70 -2.93
N GLY A 145 2.27 -0.80 -3.09
CA GLY A 145 1.75 -0.45 -4.42
C GLY A 145 1.09 -1.68 -5.00
N PRO A 146 1.46 -2.01 -6.29
CA PRO A 146 0.95 -3.20 -7.00
C PRO A 146 1.51 -4.54 -6.53
N HIS A 147 2.36 -4.55 -5.50
CA HIS A 147 3.05 -5.75 -5.06
C HIS A 147 2.43 -6.44 -3.83
N ILE A 148 1.98 -7.67 -4.00
CA ILE A 148 1.24 -8.48 -2.97
C ILE A 148 2.05 -8.78 -1.68
N VAL A 149 3.34 -8.85 -1.79
CA VAL A 149 4.24 -8.95 -0.66
C VAL A 149 3.99 -7.88 0.43
N GLY A 150 3.78 -6.62 0.02
CA GLY A 150 3.38 -5.53 0.93
C GLY A 150 2.11 -5.88 1.73
N ALA A 151 1.07 -6.31 1.03
CA ALA A 151 -0.20 -6.62 1.61
C ALA A 151 -0.11 -7.89 2.52
N ILE A 152 0.70 -8.84 2.14
CA ILE A 152 0.95 -10.03 2.90
C ILE A 152 1.71 -9.66 4.20
N ASN A 153 2.62 -8.71 4.08
CA ASN A 153 3.44 -8.29 5.25
C ASN A 153 2.66 -7.37 6.18
N LYS A 154 1.74 -6.61 5.60
CA LYS A 154 0.85 -5.82 6.39
C LYS A 154 -0.01 -6.75 7.30
N GLU A 155 -0.54 -7.84 6.77
CA GLU A 155 -1.40 -8.70 7.56
C GLU A 155 -0.60 -9.42 8.66
N ARG A 156 0.65 -9.82 8.36
CA ARG A 156 1.57 -10.38 9.34
C ARG A 156 1.86 -9.45 10.50
N ALA A 157 2.20 -8.22 10.19
CA ALA A 157 2.48 -7.23 11.14
C ALA A 157 1.31 -7.01 12.09
N LEU A 158 0.11 -6.99 11.54
CA LEU A 158 -1.15 -6.91 12.32
C LEU A 158 -1.24 -7.97 13.43
N ARG A 159 -0.77 -9.18 13.15
CA ARG A 159 -0.87 -10.30 14.04
C ARG A 159 0.25 -10.28 15.09
N LEU A 160 1.24 -9.39 14.88
CA LEU A 160 2.40 -9.32 15.76
C LEU A 160 2.23 -8.27 16.85
N GLY A 161 1.08 -7.61 16.85
CA GLY A 161 0.73 -6.71 17.92
C GLY A 161 1.37 -5.35 17.82
N GLY A 162 1.52 -4.84 16.63
CA GLY A 162 1.98 -3.46 16.56
C GLY A 162 1.54 -2.93 15.24
N PHE A 164 2.37 -1.29 11.30
CA PHE A 164 3.07 -1.69 10.13
C PHE A 164 3.75 -0.43 9.63
N PHE A 165 5.07 -0.33 9.76
CA PHE A 165 5.78 0.81 9.15
C PHE A 165 6.38 0.34 7.82
N SER A 166 6.44 1.24 6.85
CA SER A 166 6.91 0.85 5.58
C SER A 166 7.80 2.01 5.04
N ILE A 167 8.34 1.87 3.82
CA ILE A 167 9.13 2.93 3.19
C ILE A 167 8.69 3.11 1.75
N ASP A 168 9.17 4.20 1.13
CA ASP A 168 9.10 4.41 -0.31
C ASP A 168 10.24 3.61 -0.94
N ILE A 169 9.90 2.66 -1.80
CA ILE A 169 10.86 1.81 -2.51
C ILE A 169 10.25 1.37 -3.86
N ASP A 170 10.98 1.61 -4.93
CA ASP A 170 10.43 1.36 -6.27
C ASP A 170 11.29 0.26 -6.88
N PRO A 171 10.86 -1.01 -6.72
CA PRO A 171 11.74 -2.07 -7.19
C PRO A 171 11.84 -2.10 -8.72
N ARG A 172 10.85 -1.54 -9.41
CA ARG A 172 10.89 -1.51 -10.88
C ARG A 172 12.02 -0.55 -11.34
N TRP A 173 12.19 0.52 -10.59
CA TRP A 173 13.21 1.50 -10.84
C TRP A 173 14.54 0.81 -10.70
N VAL A 174 14.68 0.03 -9.63
CA VAL A 174 15.93 -0.62 -9.32
C VAL A 174 16.31 -1.61 -10.44
N LYS A 175 15.34 -2.39 -10.94
CA LYS A 175 15.61 -3.34 -12.02
C LYS A 175 15.88 -2.61 -13.35
N ARG A 176 15.13 -1.54 -13.62
CA ARG A 176 15.37 -0.75 -14.83
C ARG A 176 16.86 -0.35 -14.88
N SER A 177 17.27 0.44 -13.90
CA SER A 177 18.63 0.92 -13.71
C SER A 177 19.66 -0.18 -13.90
N LEU A 178 19.59 -1.21 -13.07
CA LEU A 178 20.42 -2.41 -13.18
C LEU A 178 20.54 -3.05 -14.58
N SER A 179 19.48 -2.96 -15.39
CA SER A 179 19.51 -3.53 -16.74
C SER A 179 20.13 -2.57 -17.79
N GLU A 180 20.06 -1.26 -17.55
CA GLU A 180 20.86 -0.29 -18.29
C GLU A 180 22.31 -0.25 -17.76
N GLY A 181 22.63 -1.20 -16.88
CA GLY A 181 23.96 -1.28 -16.22
C GLY A 181 24.43 0.01 -15.54
N ASP A 182 23.47 0.86 -15.17
CA ASP A 182 23.76 2.11 -14.46
C ASP A 182 23.96 1.88 -12.96
N THR A 183 25.16 1.45 -12.55
CA THR A 183 25.36 1.10 -11.13
C THR A 183 25.46 2.28 -10.15
N ALA A 184 25.70 3.49 -10.67
CA ALA A 184 25.80 4.67 -9.80
C ALA A 184 24.42 5.09 -9.23
N THR A 185 23.40 4.95 -10.08
CA THR A 185 22.01 5.13 -9.73
C THR A 185 21.51 4.06 -8.76
N VAL A 186 21.88 2.80 -9.01
CA VAL A 186 21.60 1.69 -8.10
C VAL A 186 22.10 2.07 -6.71
N ARG A 187 23.35 2.54 -6.65
CA ARG A 187 24.01 2.80 -5.38
C ARG A 187 23.33 3.92 -4.62
N LYS A 188 22.99 4.99 -5.32
CA LYS A 188 22.46 6.20 -4.67
C LYS A 188 21.07 5.91 -4.08
N TYR A 189 20.32 5.16 -4.87
CA TYR A 189 18.99 4.66 -4.53
C TYR A 189 19.03 3.72 -3.33
N THR A 190 19.93 2.75 -3.31
CA THR A 190 20.15 1.95 -2.10
C THR A 190 20.43 2.82 -0.86
N HIS A 191 21.20 3.88 -1.02
CA HIS A 191 21.57 4.77 0.10
C HIS A 191 20.30 5.46 0.61
N HIS A 192 19.53 6.02 -0.31
CA HIS A 192 18.21 6.58 -0.09
C HIS A 192 17.19 5.61 0.64
N LEU A 193 17.25 4.31 0.33
CA LEU A 193 16.46 3.29 1.02
C LEU A 193 16.92 3.10 2.46
N VAL A 194 18.25 2.94 2.61
CA VAL A 194 18.89 2.85 3.91
C VAL A 194 18.60 4.07 4.77
N ASP A 195 18.63 5.28 4.21
CA ASP A 195 18.27 6.48 5.04
C ASP A 195 16.85 6.37 5.63
N GLN A 196 15.89 5.96 4.80
CA GLN A 196 14.49 5.90 5.29
C GLN A 196 14.40 4.80 6.36
N VAL A 197 15.11 3.69 6.16
CA VAL A 197 15.12 2.62 7.15
C VAL A 197 15.76 3.09 8.47
N GLN A 198 16.90 3.77 8.37
CA GLN A 198 17.54 4.27 9.58
C GLN A 198 16.63 5.24 10.34
N ASN A 199 16.03 6.16 9.59
CA ASN A 199 15.11 7.13 10.21
C ASN A 199 14.03 6.42 11.07
N THR A 200 13.40 5.38 10.51
CA THR A 200 12.36 4.75 11.28
C THR A 200 12.90 4.00 12.45
N LEU A 201 13.93 3.18 12.23
CA LEU A 201 14.62 2.45 13.30
C LEU A 201 15.08 3.35 14.45
N ASN A 203 13.82 6.64 15.17
CA ASN A 203 12.74 7.48 15.75
C ASN A 203 11.58 6.76 16.40
N GLN A 204 11.36 5.49 15.99
CA GLN A 204 10.24 4.60 16.50
C GLN A 204 10.80 3.28 16.96
N ASP A 205 10.14 2.63 17.89
CA ASP A 205 10.56 1.36 18.42
C ASP A 205 10.10 0.22 17.51
N ILE A 206 11.05 -0.36 16.80
CA ILE A 206 10.76 -1.40 15.81
C ILE A 206 11.20 -2.78 16.33
N ARG A 207 10.27 -3.75 16.42
CA ARG A 207 10.59 -5.09 16.95
C ARG A 207 11.02 -6.05 15.81
N PHE A 208 10.45 -5.86 14.60
CA PHE A 208 10.61 -6.75 13.46
C PHE A 208 10.93 -5.99 12.22
N LEU A 209 11.96 -6.45 11.54
CA LEU A 209 12.48 -5.84 10.30
C LEU A 209 12.37 -6.84 9.12
N VAL A 210 11.69 -6.43 8.04
CA VAL A 210 11.61 -7.22 6.83
C VAL A 210 12.40 -6.47 5.79
N THR A 211 13.44 -7.10 5.22
CA THR A 211 14.33 -6.38 4.28
C THR A 211 15.03 -7.35 3.29
N THR A 212 16.08 -6.87 2.58
CA THR A 212 16.88 -7.65 1.64
C THR A 212 18.35 -7.48 2.02
N PRO A 213 19.23 -8.47 1.66
CA PRO A 213 20.67 -8.38 2.03
C PRO A 213 21.39 -7.07 1.59
N PRO A 214 21.18 -6.59 0.35
CA PRO A 214 21.88 -5.31 0.00
C PRO A 214 21.64 -4.18 0.99
N VAL A 215 20.40 -4.09 1.47
CA VAL A 215 19.98 -3.01 2.34
C VAL A 215 20.51 -3.24 3.75
N LEU A 216 20.31 -4.47 4.29
CA LEU A 216 20.84 -4.80 5.60
C LEU A 216 22.35 -4.50 5.64
N ARG A 217 23.04 -4.96 4.61
CA ARG A 217 24.48 -4.84 4.45
C ARG A 217 24.98 -3.42 4.70
N GLU A 218 24.27 -2.45 4.13
CA GLU A 218 24.55 -1.03 4.34
C GLU A 218 24.10 -0.54 5.71
N LEU A 219 22.94 -0.99 6.19
CA LEU A 219 22.55 -0.58 7.56
C LEU A 219 23.62 -0.95 8.58
N LEU A 220 24.24 -2.09 8.36
CA LEU A 220 25.25 -2.62 9.29
C LEU A 220 26.55 -1.80 9.23
N LYS A 221 26.71 -0.98 8.19
CA LYS A 221 27.83 -0.03 8.12
C LYS A 221 27.65 1.23 9.00
N ARG A 222 26.49 1.32 9.68
CA ARG A 222 26.15 2.51 10.49
C ARG A 222 26.06 2.17 11.99
N PRO A 223 27.16 2.44 12.73
CA PRO A 223 27.31 1.96 14.11
C PRO A 223 26.18 2.39 15.04
N GLU A 224 25.60 3.56 14.81
CA GLU A 224 24.51 4.01 15.71
C GLU A 224 23.27 3.16 15.45
N VAL A 225 23.05 2.83 14.18
CA VAL A 225 21.94 1.97 13.75
C VAL A 225 22.08 0.54 14.28
N VAL A 226 23.29 -0.01 14.24
CA VAL A 226 23.57 -1.36 14.75
C VAL A 226 23.27 -1.42 16.23
N LEU A 227 23.65 -0.35 16.93
CA LEU A 227 23.44 -0.30 18.36
C LEU A 227 21.93 -0.28 18.72
N GLN A 228 21.20 0.56 18.00
CA GLN A 228 19.75 0.53 18.13
C GLN A 228 19.19 -0.90 17.86
N LYS A 230 20.61 -3.85 18.03
CA LYS A 230 21.02 -4.78 19.06
C LYS A 230 20.03 -4.68 20.20
N GLN A 231 19.44 -3.50 20.35
CA GLN A 231 18.59 -3.23 21.48
C GLN A 231 17.12 -3.64 21.33
N SER A 232 16.59 -3.59 20.11
CA SER A 232 15.15 -3.57 19.92
C SER A 232 14.63 -4.69 18.94
N LEU A 233 15.50 -5.24 18.07
CA LEU A 233 15.07 -6.19 17.03
C LEU A 233 14.94 -7.59 17.52
N ALA A 234 13.72 -8.12 17.54
CA ALA A 234 13.50 -9.55 17.92
C ALA A 234 13.72 -10.43 16.68
N GLN A 235 13.42 -9.86 15.50
CA GLN A 235 13.52 -10.66 14.33
C GLN A 235 13.76 -9.86 13.06
N ILE A 236 14.58 -10.44 12.16
CA ILE A 236 14.82 -9.94 10.82
C ILE A 236 14.41 -11.00 9.82
N THR A 237 13.65 -10.57 8.81
CA THR A 237 13.30 -11.42 7.72
C THR A 237 13.92 -10.92 6.46
N LEU A 238 14.62 -11.80 5.76
CA LEU A 238 15.23 -11.44 4.48
C LEU A 238 14.52 -12.03 3.33
N GLY A 239 14.23 -11.18 2.35
CA GLY A 239 13.52 -11.59 1.16
C GLY A 239 14.45 -11.77 -0.03
N GLY A 240 13.91 -12.45 -1.06
CA GLY A 240 14.52 -12.55 -2.37
C GLY A 240 15.28 -13.83 -2.56
N THR A 241 16.05 -13.84 -3.64
CA THR A 241 16.68 -15.10 -4.09
C THR A 241 18.24 -15.02 -4.14
N GLU A 242 18.81 -13.91 -3.64
CA GLU A 242 20.27 -13.75 -3.55
C GLU A 242 20.72 -13.78 -2.06
N LEU A 243 20.28 -14.78 -1.32
CA LEU A 243 20.70 -14.91 0.07
C LEU A 243 22.11 -15.53 0.16
N ASN A 244 22.96 -15.05 1.06
CA ASN A 244 24.28 -15.63 1.29
C ASN A 244 24.26 -16.21 2.68
N LEU A 245 24.02 -17.51 2.76
CA LEU A 245 23.93 -18.18 4.07
C LEU A 245 25.09 -17.78 5.09
N ASP A 246 26.33 -17.83 4.62
CA ASP A 246 27.47 -17.66 5.52
C ASP A 246 27.49 -16.28 6.14
N GLU A 247 27.18 -15.27 5.33
CA GLU A 247 27.12 -13.89 5.77
C GLU A 247 26.01 -13.69 6.79
N ILE A 248 24.82 -14.29 6.51
CA ILE A 248 23.74 -14.27 7.45
C ILE A 248 24.13 -14.88 8.79
N LYS A 249 24.83 -16.00 8.74
CA LYS A 249 25.23 -16.71 9.97
C LYS A 249 26.22 -15.88 10.79
N PHE A 250 27.11 -15.20 10.08
CA PHE A 250 27.99 -14.26 10.73
C PHE A 250 27.22 -13.15 11.49
N ILE A 251 26.33 -12.44 10.78
CA ILE A 251 25.60 -11.34 11.38
C ILE A 251 24.79 -11.90 12.52
N ALA A 252 24.14 -13.06 12.31
CA ALA A 252 23.36 -13.65 13.41
C ALA A 252 24.18 -13.96 14.65
N SER A 253 25.46 -14.24 14.54
CA SER A 253 26.10 -14.75 15.74
C SER A 253 26.94 -13.71 16.39
N GLU A 254 27.55 -12.90 15.55
CA GLU A 254 28.45 -11.89 16.01
C GLU A 254 27.87 -10.47 16.03
N ILE A 255 26.86 -10.19 15.20
CA ILE A 255 26.38 -8.82 15.14
C ILE A 255 25.04 -8.68 15.85
N LEU A 256 24.08 -9.50 15.48
CA LEU A 256 22.78 -9.42 16.13
C LEU A 256 22.44 -10.73 16.87
N PRO A 257 23.20 -11.05 17.95
CA PRO A 257 22.99 -12.34 18.64
C PRO A 257 21.64 -12.55 19.27
N ASP A 258 20.93 -11.47 19.59
CA ASP A 258 19.63 -11.65 20.25
C ASP A 258 18.46 -11.54 19.24
N CYS A 259 18.81 -11.35 17.94
CA CYS A 259 17.87 -11.30 16.86
C CYS A 259 17.75 -12.64 16.11
N GLU A 260 16.52 -13.10 15.85
CA GLU A 260 16.32 -14.26 15.00
C GLU A 260 16.22 -13.89 13.51
N PHE A 261 16.61 -14.80 12.65
CA PHE A 261 16.68 -14.56 11.23
C PHE A 261 15.97 -15.66 10.50
N SER A 262 15.17 -15.28 9.51
CA SER A 262 14.44 -16.24 8.66
C SER A 262 14.45 -15.64 7.31
N ALA A 263 14.06 -16.44 6.35
CA ALA A 263 13.97 -15.95 4.99
C ALA A 263 12.49 -16.08 4.56
N SER A 264 12.16 -15.29 3.55
CA SER A 264 10.85 -15.27 2.88
C SER A 264 11.09 -15.39 1.38
N TYR A 265 10.33 -16.29 0.75
CA TYR A 265 10.45 -16.55 -0.69
C TYR A 265 9.05 -16.33 -1.27
N GLY A 266 8.93 -15.27 -2.03
CA GLY A 266 7.65 -14.81 -2.48
C GLY A 266 7.51 -15.20 -3.91
N SER A 267 6.26 -15.47 -4.29
CA SER A 267 5.85 -15.41 -5.70
C SER A 267 4.45 -14.93 -5.82
N THR A 268 4.33 -13.82 -6.51
CA THR A 268 3.10 -13.30 -6.97
C THR A 268 2.31 -14.37 -7.71
N SER A 269 2.98 -15.15 -8.56
CA SER A 269 2.35 -16.24 -9.31
C SER A 269 1.48 -17.12 -8.43
N ALA A 270 1.96 -17.43 -7.23
CA ALA A 270 1.19 -18.30 -6.28
C ALA A 270 0.39 -17.50 -5.23
N LEU A 271 0.43 -16.17 -5.39
CA LEU A 271 -0.26 -15.19 -4.53
C LEU A 271 0.19 -15.32 -3.07
N GLY A 272 1.47 -15.65 -2.84
CA GLY A 272 1.94 -16.01 -1.53
C GLY A 272 3.41 -15.86 -1.29
N VAL A 273 3.77 -16.18 -0.04
CA VAL A 273 5.16 -16.39 0.39
C VAL A 273 5.32 -17.82 0.98
N SER A 274 6.54 -18.38 0.87
CA SER A 274 6.98 -19.49 1.70
C SER A 274 8.01 -19.02 2.70
N ARG A 275 8.18 -19.82 3.74
CA ARG A 275 8.84 -19.43 4.96
C ARG A 275 9.95 -20.46 5.21
N SER A 276 11.09 -19.98 5.75
CA SER A 276 12.24 -20.80 5.92
C SER A 276 12.29 -21.22 7.37
N LEU A 277 13.20 -22.12 7.69
CA LEU A 277 13.50 -22.43 9.12
C LEU A 277 14.36 -21.27 9.66
N LEU A 278 14.32 -21.04 10.97
CA LEU A 278 15.22 -20.05 11.53
C LEU A 278 16.66 -20.35 11.05
N ILE A 279 17.38 -19.31 10.67
CA ILE A 279 18.72 -19.49 10.20
C ILE A 279 19.61 -19.43 11.43
N THR A 280 20.31 -20.52 11.79
CA THR A 280 21.17 -20.46 12.99
C THR A 280 22.58 -20.85 12.66
N SER A 281 23.36 -21.04 13.72
CA SER A 281 24.78 -21.49 13.60
C SER A 281 24.88 -22.91 13.11
N GLU A 282 23.84 -23.69 13.34
CA GLU A 282 23.71 -25.04 12.87
C GLU A 282 23.19 -25.23 11.38
N SER A 283 22.48 -24.24 10.82
CA SER A 283 21.95 -24.28 9.42
C SER A 283 23.06 -24.52 8.41
N GLN A 284 22.85 -25.43 7.48
CA GLN A 284 23.80 -25.60 6.34
C GLN A 284 23.17 -25.21 4.99
N GLN A 285 21.82 -25.02 5.02
CA GLN A 285 21.02 -24.63 3.86
C GLN A 285 19.94 -23.71 4.38
N VAL A 286 19.42 -22.86 3.50
CA VAL A 286 18.20 -22.09 3.80
C VAL A 286 17.06 -22.91 3.18
N ILE A 287 16.13 -23.33 4.05
CA ILE A 287 15.17 -24.40 3.72
C ILE A 287 13.76 -23.81 3.88
N TYR A 288 12.95 -23.95 2.83
CA TYR A 288 11.59 -23.38 2.79
C TYR A 288 10.45 -24.38 2.67
N ASP A 289 9.36 -24.09 3.41
CA ASP A 289 8.16 -24.87 3.22
C ASP A 289 6.98 -23.97 2.82
N SER A 290 5.97 -24.58 2.17
CA SER A 290 4.88 -23.82 1.57
C SER A 290 3.53 -24.11 2.20
N PHE A 291 2.56 -23.23 1.97
CA PHE A 291 1.20 -23.39 2.46
C PHE A 291 0.47 -24.44 1.69
N SER A 292 0.96 -25.68 1.79
CA SER A 292 0.34 -26.80 1.12
C SER A 292 -1.00 -27.11 1.84
N PRO A 293 -2.05 -27.54 1.10
CA PRO A 293 -2.06 -27.80 -0.32
C PRO A 293 -2.37 -26.65 -1.30
N PHE A 294 -2.71 -25.47 -0.81
CA PHE A 294 -2.93 -24.26 -1.62
C PHE A 294 -1.80 -23.83 -2.52
N ILE A 295 -0.59 -23.91 -1.97
CA ILE A 295 0.61 -23.62 -2.71
C ILE A 295 1.56 -24.79 -2.59
N THR A 296 1.95 -25.32 -3.75
CA THR A 296 2.75 -26.53 -3.84
C THR A 296 3.95 -26.31 -4.80
N TYR A 297 5.09 -26.86 -4.45
CA TYR A 297 6.27 -26.81 -5.32
C TYR A 297 6.65 -28.19 -5.90
N ASP A 298 7.18 -28.12 -7.12
CA ASP A 298 7.84 -29.22 -7.80
C ASP A 298 9.19 -28.60 -8.26
N VAL A 299 10.22 -29.41 -8.51
CA VAL A 299 11.52 -28.95 -8.87
C VAL A 299 11.91 -29.92 -9.95
N VAL A 300 12.11 -29.39 -11.15
CA VAL A 300 12.14 -30.20 -12.34
C VAL A 300 13.37 -29.94 -13.18
N ASP A 301 13.74 -30.95 -13.98
CA ASP A 301 14.80 -30.79 -15.01
C ASP A 301 14.48 -29.69 -16.07
N SER A 302 15.45 -28.83 -16.38
CA SER A 302 15.19 -27.74 -17.34
C SER A 302 14.75 -28.18 -18.73
N ILE A 303 15.05 -29.42 -19.13
CA ILE A 303 14.71 -29.90 -20.46
C ILE A 303 13.45 -30.82 -20.44
N THR A 304 13.46 -31.87 -19.59
CA THR A 304 12.36 -32.85 -19.48
C THR A 304 11.18 -32.38 -18.64
N ALA A 305 11.40 -31.40 -17.76
CA ALA A 305 10.33 -30.91 -16.88
C ALA A 305 9.88 -32.01 -15.90
N GLN A 306 10.68 -33.08 -15.78
CA GLN A 306 10.42 -34.17 -14.82
C GLN A 306 11.09 -33.84 -13.50
N THR A 307 10.45 -34.30 -12.43
CA THR A 307 10.82 -33.96 -11.07
C THR A 307 12.21 -34.56 -10.79
N VAL A 308 13.08 -33.86 -10.11
CA VAL A 308 14.43 -34.35 -9.90
C VAL A 308 14.45 -35.14 -8.58
N GLU A 309 15.63 -35.65 -8.25
CA GLU A 309 15.86 -36.39 -7.05
C GLU A 309 16.04 -35.40 -5.94
N TYR A 310 15.60 -35.75 -4.74
CA TYR A 310 15.92 -35.04 -3.50
C TYR A 310 17.43 -34.76 -3.41
N GLY A 311 17.79 -33.50 -3.12
CA GLY A 311 19.18 -33.08 -3.04
C GLY A 311 19.75 -32.61 -4.36
N GLU A 312 19.03 -32.77 -5.48
CA GLU A 312 19.44 -32.17 -6.74
C GLU A 312 18.81 -30.77 -6.95
N ARG A 313 19.53 -29.90 -7.67
CA ARG A 313 18.99 -28.61 -8.07
C ARG A 313 18.13 -28.75 -9.35
N GLY A 314 16.97 -28.10 -9.37
CA GLY A 314 16.21 -28.02 -10.61
C GLY A 314 15.43 -26.73 -10.68
N ASN A 315 14.56 -26.62 -11.69
CA ASN A 315 13.75 -25.42 -11.92
C ASN A 315 12.53 -25.46 -11.01
N VAL A 316 12.18 -24.35 -10.39
CA VAL A 316 11.05 -24.25 -9.46
C VAL A 316 9.75 -24.08 -10.20
N ILE A 317 8.78 -24.96 -9.91
CA ILE A 317 7.42 -24.89 -10.47
C ILE A 317 6.51 -24.70 -9.31
N VAL A 318 5.64 -23.69 -9.41
CA VAL A 318 4.73 -23.42 -8.36
C VAL A 318 3.28 -23.51 -8.85
N THR A 319 2.44 -24.11 -8.03
CA THR A 319 0.99 -24.26 -8.26
C THR A 319 0.21 -23.59 -7.13
N HIS A 320 -0.70 -22.68 -7.49
CA HIS A 320 -1.64 -22.13 -6.55
C HIS A 320 -3.01 -22.81 -6.83
N LEU A 321 -3.64 -23.44 -5.81
CA LEU A 321 -4.98 -24.02 -6.00
C LEU A 321 -5.79 -23.63 -4.81
N SER A 322 -6.87 -22.85 -5.00
CA SER A 322 -7.72 -22.42 -3.86
C SER A 322 -9.14 -22.01 -4.31
N PRO A 323 -10.05 -21.77 -3.35
CA PRO A 323 -11.35 -21.18 -3.73
C PRO A 323 -11.19 -19.84 -4.50
N TRP A 324 -10.07 -19.14 -4.30
CA TRP A 324 -9.83 -17.81 -4.88
C TRP A 324 -9.18 -17.73 -6.27
N ALA A 325 -8.39 -18.70 -6.63
CA ALA A 325 -7.56 -18.64 -7.79
C ALA A 325 -7.10 -20.05 -8.17
N PHE A 326 -6.68 -20.20 -9.39
CA PHE A 326 -6.07 -21.42 -9.81
C PHE A 326 -4.96 -21.06 -10.83
N TYR A 327 -3.70 -21.26 -10.44
CA TYR A 327 -2.51 -21.03 -11.29
C TYR A 327 -1.66 -22.26 -11.26
N PRO A 328 -1.83 -23.11 -12.29
CA PRO A 328 -1.13 -24.34 -12.36
C PRO A 328 0.26 -24.28 -12.95
N ARG A 329 1.17 -25.06 -12.37
CA ARG A 329 2.48 -25.34 -12.91
C ARG A 329 3.21 -24.10 -13.41
N VAL A 330 3.26 -23.03 -12.63
CA VAL A 330 3.91 -21.85 -13.09
C VAL A 330 5.41 -22.07 -13.02
N ALA A 331 6.07 -21.86 -14.17
CA ALA A 331 7.51 -21.98 -14.27
C ALA A 331 8.16 -20.72 -13.76
N GLU A 332 8.72 -20.77 -12.57
CA GLU A 332 9.38 -19.64 -11.98
C GLU A 332 10.84 -19.46 -12.51
N ARG A 333 11.36 -18.24 -12.39
CA ARG A 333 12.66 -17.91 -12.96
C ARG A 333 13.82 -18.23 -11.99
N ASP A 334 13.64 -19.24 -11.14
CA ASP A 334 14.51 -19.62 -10.07
C ASP A 334 14.71 -21.11 -10.07
N THR A 335 15.85 -21.53 -9.47
CA THR A 335 16.20 -22.93 -9.25
C THR A 335 16.31 -23.12 -7.75
N ALA A 336 16.24 -24.37 -7.28
CA ALA A 336 16.33 -24.62 -5.90
C ALA A 336 16.73 -26.09 -5.78
N ILE A 337 17.31 -26.44 -4.63
CA ILE A 337 17.45 -27.84 -4.25
C ILE A 337 16.15 -28.43 -3.77
N ARG A 338 15.80 -29.57 -4.37
CA ARG A 338 14.58 -30.27 -4.04
C ARG A 338 14.71 -31.06 -2.75
N LEU A 339 13.80 -30.78 -1.80
CA LEU A 339 13.79 -31.46 -0.53
C LEU A 339 12.43 -32.12 -0.22
N PRO A 340 12.46 -33.21 0.59
CA PRO A 340 11.21 -33.86 1.01
C PRO A 340 10.24 -32.86 1.58
N GLY A 341 8.98 -32.96 1.19
CA GLY A 341 7.94 -32.12 1.87
C GLY A 341 7.62 -32.52 3.30
N VAL A 342 6.89 -31.70 4.04
CA VAL A 342 6.30 -32.12 5.35
C VAL A 342 5.53 -33.44 5.17
N SER A 343 5.72 -34.49 5.98
CA SER A 343 4.95 -35.76 5.75
C SER A 343 3.45 -35.53 5.87
N GLY A 344 2.69 -36.22 5.03
CA GLY A 344 1.28 -35.99 4.90
C GLY A 344 0.93 -34.75 4.04
N PHE A 345 1.91 -33.98 3.54
CA PHE A 345 1.61 -32.78 2.68
C PHE A 345 2.05 -33.06 1.28
N ALA A 346 1.22 -32.67 0.30
CA ALA A 346 1.65 -32.62 -1.07
C ALA A 346 2.70 -31.49 -1.24
N GLY A 347 3.54 -31.68 -2.24
CA GLY A 347 4.60 -30.69 -2.54
C GLY A 347 5.96 -30.89 -1.86
N ASP A 348 6.99 -30.42 -2.52
CA ASP A 348 8.35 -30.37 -2.01
C ASP A 348 8.66 -29.17 -1.12
N ARG A 349 9.65 -29.36 -0.30
CA ARG A 349 10.29 -28.26 0.37
C ARG A 349 11.43 -27.79 -0.57
N LEU A 350 11.96 -26.59 -0.36
CA LEU A 350 13.02 -26.06 -1.26
C LEU A 350 14.16 -25.61 -0.46
N ALA A 351 15.34 -25.73 -1.04
CA ALA A 351 16.50 -25.11 -0.38
C ALA A 351 17.35 -24.29 -1.37
N ASP A 352 17.97 -23.24 -0.84
CA ASP A 352 19.02 -22.44 -1.54
C ASP A 352 18.60 -22.00 -2.91
N ILE A 353 17.56 -21.19 -2.90
CA ILE A 353 17.04 -20.61 -4.11
C ILE A 353 18.05 -19.70 -4.79
N GLU A 354 18.16 -19.85 -6.11
CA GLU A 354 18.95 -18.98 -6.94
C GLU A 354 18.13 -18.54 -8.16
N PRO A 355 18.41 -17.33 -8.68
CA PRO A 355 17.75 -16.94 -9.93
C PRO A 355 18.41 -17.67 -11.09
N LEU A 356 17.66 -17.98 -12.12
CA LEU A 356 18.27 -18.45 -13.37
C LEU A 356 19.09 -17.37 -14.10
N LYS A 357 20.21 -17.79 -14.70
CA LYS A 357 21.08 -17.01 -15.67
C LYS A 357 22.60 -17.21 -15.35
N ASP B 6 -17.00 1.01 26.28
CA ASP B 6 -17.74 1.40 25.02
C ASP B 6 -18.14 2.87 25.09
N TYR B 7 -17.63 3.64 24.13
CA TYR B 7 -17.88 5.09 24.12
C TYR B 7 -18.57 5.53 22.88
N SER B 8 -19.32 4.57 22.30
CA SER B 8 -20.08 4.74 21.05
C SER B 8 -21.13 5.85 21.14
N LEU B 9 -21.59 6.14 22.34
CA LEU B 9 -22.52 7.22 22.51
C LEU B 9 -21.82 8.55 22.53
N GLU B 10 -20.69 8.62 23.25
CA GLU B 10 -19.83 9.84 23.27
C GLU B 10 -19.38 10.20 21.83
N ILE B 11 -18.85 9.22 21.10
CA ILE B 11 -18.49 9.38 19.68
C ILE B 11 -19.63 9.83 18.76
N ASP B 12 -20.79 9.16 18.90
CA ASP B 12 -21.87 9.44 17.95
C ASP B 12 -22.45 10.83 18.13
N ALA B 13 -22.57 11.26 19.39
CA ALA B 13 -22.85 12.65 19.80
C ALA B 13 -21.88 13.72 19.19
N VAL B 14 -20.62 13.35 18.95
CA VAL B 14 -19.68 14.26 18.28
C VAL B 14 -20.06 14.42 16.84
N LYS B 16 -22.82 13.97 15.37
CA LYS B 16 -24.13 14.62 15.30
C LYS B 16 -23.98 16.11 15.46
N ALA B 17 -23.01 16.54 16.26
CA ALA B 17 -22.69 17.97 16.38
C ALA B 17 -22.06 18.47 15.10
N ALA B 18 -21.11 17.70 14.54
CA ALA B 18 -20.54 17.99 13.25
C ALA B 18 -21.56 18.14 12.10
N GLN B 19 -22.47 17.19 12.07
CA GLN B 19 -23.49 17.12 11.07
C GLN B 19 -24.37 18.35 11.13
N ILE B 20 -24.81 18.78 12.31
CA ILE B 20 -25.66 19.99 12.39
C ILE B 20 -24.84 21.32 12.40
N ASN B 21 -23.54 21.19 12.22
CA ASN B 21 -22.61 22.33 12.33
C ASN B 21 -22.69 23.11 13.64
N ASP B 22 -22.95 22.41 14.72
CA ASP B 22 -22.85 23.01 16.02
C ASP B 22 -21.37 22.89 16.43
N THR B 23 -20.55 23.75 15.85
CA THR B 23 -19.11 23.66 15.98
C THR B 23 -18.60 23.95 17.37
N ASN B 24 -19.24 24.84 18.11
CA ASN B 24 -18.90 25.02 19.52
C ASN B 24 -19.06 23.78 20.37
N ASN B 25 -20.14 23.07 20.16
CA ASN B 25 -20.35 21.86 20.95
C ASN B 25 -19.49 20.74 20.43
N PHE B 26 -19.21 20.76 19.14
CA PHE B 26 -18.31 19.81 18.52
C PHE B 26 -16.91 19.95 19.14
N VAL B 27 -16.45 21.19 19.28
CA VAL B 27 -15.14 21.52 19.78
C VAL B 27 -15.09 21.16 21.21
N GLN B 28 -16.13 21.50 21.99
CA GLN B 28 -16.09 21.26 23.45
C GLN B 28 -16.20 19.80 23.81
N ALA B 29 -17.01 19.09 23.02
CA ALA B 29 -17.19 17.70 23.24
C ALA B 29 -15.82 17.00 22.96
N LEU B 30 -15.17 17.38 21.87
CA LEU B 30 -13.83 16.85 21.52
C LEU B 30 -12.67 17.26 22.44
N ARG B 32 -13.19 17.60 25.71
CA ARG B 32 -13.42 16.61 26.77
C ARG B 32 -12.92 15.23 26.38
N TRP B 33 -13.27 14.76 25.20
CA TRP B 33 -12.72 13.51 24.68
C TRP B 33 -11.16 13.45 24.73
N HIS B 34 -10.49 14.42 24.11
CA HIS B 34 -9.05 14.37 23.98
C HIS B 34 -8.27 14.55 25.27
N PHE B 35 -8.94 15.15 26.29
CA PHE B 35 -8.28 15.45 27.55
C PHE B 35 -8.88 14.74 28.83
N SER B 36 -9.88 13.86 28.70
CA SER B 36 -10.24 12.90 29.79
C SER B 36 -9.19 11.84 29.92
N LYS B 37 -8.95 11.41 31.16
CA LYS B 37 -8.15 10.24 31.45
C LYS B 37 -8.69 8.95 30.91
N GLU B 38 -10.00 8.90 30.69
CA GLU B 38 -10.68 7.68 30.25
C GLU B 38 -10.63 7.50 28.77
N THR B 39 -10.75 8.61 28.02
CA THR B 39 -10.89 8.56 26.57
C THR B 39 -9.72 9.16 25.79
N GLY B 40 -8.93 10.04 26.37
CA GLY B 40 -7.93 10.74 25.57
C GLY B 40 -6.80 9.86 25.12
N SER B 41 -5.92 10.42 24.28
CA SER B 41 -4.72 9.75 23.89
C SER B 41 -3.62 10.03 24.95
N PRO B 42 -2.70 9.06 25.19
CA PRO B 42 -1.58 9.39 26.03
C PRO B 42 -0.82 10.66 25.64
N PHE B 43 -0.68 10.92 24.35
CA PHE B 43 0.05 12.08 23.93
C PHE B 43 -0.60 13.42 24.41
N TRP B 44 -1.92 13.58 24.22
CA TRP B 44 -2.53 14.84 24.64
C TRP B 44 -2.64 14.99 26.16
N LEU B 45 -2.91 13.85 26.81
CA LEU B 45 -2.95 13.74 28.29
C LEU B 45 -1.63 14.22 28.88
N GLY B 46 -0.53 13.83 28.27
CA GLY B 46 0.78 14.23 28.75
C GLY B 46 1.13 15.66 28.37
N ARG B 48 -1.08 18.11 28.26
CA ARG B 48 -1.96 19.01 28.95
C ARG B 48 -1.27 19.91 30.00
N GLU B 49 -0.31 19.34 30.74
CA GLU B 49 0.43 20.10 31.74
C GLU B 49 1.32 21.20 31.11
N GLN B 50 1.81 20.97 29.90
CA GLN B 50 2.63 21.99 29.22
C GLN B 50 1.84 23.23 28.74
N LEU B 51 0.51 23.18 28.77
CA LEU B 51 -0.28 24.23 28.10
C LEU B 51 -0.48 25.40 29.06
N ASN B 52 -0.49 26.60 28.50
CA ASN B 52 -0.74 27.84 29.18
C ASN B 52 -2.19 28.24 29.34
N PHE B 53 -3.09 27.27 29.22
CA PHE B 53 -4.53 27.51 29.36
C PHE B 53 -5.17 26.12 29.64
N ASP B 54 -6.45 26.12 29.97
CA ASP B 54 -7.18 24.88 30.20
C ASP B 54 -7.98 24.52 28.93
N PRO B 55 -7.65 23.41 28.28
CA PRO B 55 -8.35 23.08 27.02
C PRO B 55 -9.86 22.85 27.25
N ILE B 56 -10.22 22.62 28.49
CA ILE B 56 -11.60 22.35 28.81
C ILE B 56 -12.37 23.57 29.25
N LYS B 57 -11.72 24.46 30.01
CA LYS B 57 -12.37 25.70 30.43
C LYS B 57 -12.19 26.88 29.45
N ASP B 58 -11.07 26.91 28.74
CA ASP B 58 -10.71 28.09 27.96
C ASP B 58 -10.95 27.94 26.46
N VAL B 59 -11.54 26.82 26.05
CA VAL B 59 -11.83 26.55 24.62
C VAL B 59 -13.34 26.32 24.45
N LYS B 60 -14.02 27.25 23.75
CA LYS B 60 -15.47 27.21 23.55
C LYS B 60 -15.85 27.10 22.08
N THR B 61 -14.99 27.64 21.21
CA THR B 61 -15.25 27.75 19.79
C THR B 61 -14.02 27.29 18.99
N ILE B 62 -14.15 27.18 17.67
CA ILE B 62 -13.09 26.81 16.73
C ILE B 62 -11.95 27.85 16.71
N ASN B 63 -12.30 29.13 16.75
CA ASN B 63 -11.32 30.21 16.94
C ASN B 63 -10.49 30.06 18.20
N ASP B 64 -11.08 29.64 19.32
CA ASP B 64 -10.28 29.39 20.59
C ASP B 64 -9.12 28.40 20.45
N LEU B 65 -9.16 27.65 19.36
CA LEU B 65 -8.13 26.65 19.09
C LEU B 65 -6.84 27.34 18.71
N ARG B 66 -6.90 28.65 18.42
CA ARG B 66 -5.70 29.38 18.05
C ARG B 66 -4.67 29.38 19.24
N GLN B 67 -5.17 29.13 20.47
CA GLN B 67 -4.34 29.03 21.71
C GLN B 67 -3.30 27.88 21.67
N PHE B 68 -3.56 26.89 20.80
CA PHE B 68 -2.70 25.75 20.62
C PHE B 68 -1.63 26.13 19.63
N SER B 69 -0.45 25.53 19.89
CA SER B 69 0.66 25.54 18.98
C SER B 69 0.66 24.26 18.18
N ASP B 70 1.24 24.36 16.99
CA ASP B 70 1.61 23.29 16.11
C ASP B 70 2.61 22.32 16.84
N ILE B 71 2.25 21.06 16.99
CA ILE B 71 3.10 20.10 17.69
C ILE B 71 3.69 19.12 16.72
N SER B 72 3.64 19.44 15.42
CA SER B 72 4.21 18.58 14.40
C SER B 72 5.63 18.16 14.71
N HIS B 73 6.44 19.10 15.20
CA HIS B 73 7.85 18.78 15.57
C HIS B 73 7.91 17.58 16.58
N CYS B 74 6.88 17.34 17.42
CA CYS B 74 6.86 16.17 18.36
C CYS B 74 6.62 14.85 17.69
N LEU B 75 6.11 14.87 16.47
CA LEU B 75 5.61 13.63 15.91
C LEU B 75 6.74 12.78 15.24
N ARG B 76 7.99 13.24 15.31
CA ARG B 76 9.11 12.36 14.94
C ARG B 76 9.30 11.19 15.88
N GLN B 77 9.36 11.49 17.18
CA GLN B 77 9.75 10.53 18.18
C GLN B 77 8.69 10.14 19.19
N GLU B 78 7.51 10.79 19.07
CA GLU B 78 6.40 10.34 19.90
C GLU B 78 6.07 8.94 19.45
N PRO B 79 6.10 7.96 20.38
CA PRO B 79 5.63 6.64 19.94
C PRO B 79 4.25 6.76 19.39
N VAL B 80 4.04 6.15 18.22
CA VAL B 80 2.72 6.21 17.56
C VAL B 80 1.54 5.70 18.36
N ALA B 81 1.74 4.76 19.31
CA ALA B 81 0.63 4.22 20.08
C ALA B 81 0.04 5.27 21.08
N ASN B 82 0.93 6.17 21.48
CA ASN B 82 0.56 7.36 22.27
C ASN B 82 -0.40 8.29 21.58
N LEU B 83 -0.52 8.20 20.25
CA LEU B 83 -1.46 9.03 19.46
C LEU B 83 -2.90 8.48 19.49
N VAL B 84 -3.08 7.23 19.91
CA VAL B 84 -4.37 6.56 19.93
C VAL B 84 -5.23 6.98 21.14
N PRO B 85 -6.39 7.63 20.87
CA PRO B 85 -7.35 7.79 22.01
C PRO B 85 -7.83 6.45 22.62
N GLN B 86 -7.69 6.34 23.95
CA GLN B 86 -8.22 5.21 24.69
C GLN B 86 -9.70 4.98 24.38
N GLY B 87 -10.45 6.04 24.06
CA GLY B 87 -11.89 5.88 23.92
C GLY B 87 -12.34 5.14 22.69
N LEU B 88 -11.48 5.01 21.71
CA LEU B 88 -11.78 4.23 20.51
C LEU B 88 -12.00 2.72 20.76
N PRO B 89 -12.92 2.11 19.99
CA PRO B 89 -13.19 0.65 20.05
C PRO B 89 -11.95 -0.18 19.64
N ALA B 90 -11.86 -1.42 20.11
CA ALA B 90 -10.59 -2.17 19.90
C ALA B 90 -10.39 -2.60 18.45
N ASP B 91 -11.46 -2.55 17.66
CA ASP B 91 -11.41 -2.94 16.27
C ASP B 91 -11.18 -1.73 15.35
N SER B 92 -10.72 -0.62 15.92
CA SER B 92 -10.62 0.64 15.18
C SER B 92 -9.62 0.54 13.98
N HIS B 93 -8.56 -0.27 14.15
CA HIS B 93 -7.53 -0.58 13.10
C HIS B 93 -6.55 0.60 12.80
N PRO B 94 -5.67 0.97 13.76
CA PRO B 94 -4.71 2.08 13.67
C PRO B 94 -3.69 1.80 12.63
N GLN B 95 -3.38 2.78 11.83
CA GLN B 95 -2.41 2.57 10.79
C GLN B 95 -1.46 3.76 10.75
N VAL B 96 -0.17 3.48 10.62
CA VAL B 96 0.80 4.56 10.53
C VAL B 96 0.87 5.15 9.18
N TYR B 97 0.86 6.49 9.14
CA TYR B 97 1.17 7.25 7.91
C TYR B 97 2.23 8.34 8.15
N GLU B 98 2.85 8.87 7.08
CA GLU B 98 4.00 9.75 7.23
C GLU B 98 4.02 10.89 6.27
N SER B 99 4.50 12.04 6.75
CA SER B 99 4.95 13.12 5.86
C SER B 99 6.24 13.74 6.40
N GLY B 100 6.96 14.44 5.52
CA GLY B 100 8.36 14.82 5.74
C GLY B 100 9.39 13.75 5.28
N GLY B 101 10.66 14.02 5.60
CA GLY B 101 11.05 15.37 6.04
C GLY B 101 11.73 16.10 4.89
N THR B 102 12.10 15.35 3.84
CA THR B 102 13.22 15.63 2.90
C THR B 102 14.57 15.09 3.48
N THR B 103 15.48 15.97 3.99
CA THR B 103 16.53 15.56 4.97
C THR B 103 15.83 14.65 6.01
N GLY B 104 16.58 13.97 6.88
CA GLY B 104 15.98 13.17 7.99
C GLY B 104 14.60 13.72 8.39
N ALA B 105 13.57 12.89 8.48
CA ALA B 105 12.43 13.16 9.44
C ALA B 105 11.91 11.83 9.87
N PRO B 106 10.76 11.38 9.28
CA PRO B 106 9.44 12.00 8.94
C PRO B 106 8.53 12.13 10.17
N LYS B 107 7.42 12.85 10.09
CA LYS B 107 6.45 12.80 11.17
C LYS B 107 5.59 11.54 11.03
N TYR B 108 5.26 10.91 12.16
CA TYR B 108 4.43 9.70 12.18
C TYR B 108 3.08 10.04 12.79
N VAL B 109 2.03 9.84 12.00
CA VAL B 109 0.65 9.95 12.48
C VAL B 109 -0.10 8.59 12.35
N VAL B 110 -1.23 8.49 13.03
CA VAL B 110 -2.10 7.35 12.96
C VAL B 110 -3.45 7.82 12.33
N ALA B 111 -3.90 7.13 11.28
CA ALA B 111 -5.32 7.09 10.87
C ALA B 111 -6.04 5.70 11.12
N TYR B 112 -7.37 5.70 10.98
CA TYR B 112 -8.27 4.56 11.23
C TYR B 112 -9.21 4.44 10.07
N ASP B 113 -9.74 3.22 9.87
CA ASP B 113 -10.68 2.97 8.77
C ASP B 113 -11.93 3.78 8.85
N ALA B 114 -12.58 3.79 10.01
CA ALA B 114 -13.80 4.57 10.19
C ALA B 114 -13.59 6.05 9.75
N TRP B 115 -12.37 6.60 9.92
CA TRP B 115 -12.07 7.99 9.57
C TRP B 115 -11.95 8.15 8.06
N ILE B 116 -11.13 7.33 7.45
CA ILE B 116 -11.01 7.37 6.00
C ILE B 116 -12.36 7.13 5.32
N GLU B 117 -13.14 6.23 5.90
CA GLU B 117 -14.49 5.99 5.45
C GLU B 117 -15.38 7.22 5.49
N ALA B 118 -15.37 7.96 6.62
CA ALA B 118 -16.12 9.19 6.80
C ALA B 118 -15.68 10.24 5.77
N LEU B 119 -14.38 10.34 5.56
CA LEU B 119 -13.79 11.37 4.75
C LEU B 119 -14.25 11.15 3.32
N ILE B 120 -14.23 9.88 2.91
CA ILE B 120 -14.65 9.51 1.53
C ILE B 120 -16.16 9.68 1.34
N SER B 121 -16.98 9.26 2.31
CA SER B 121 -18.40 9.63 2.33
C SER B 121 -18.62 11.10 1.99
N TRP B 122 -17.96 11.99 2.74
CA TRP B 122 -18.15 13.41 2.58
C TRP B 122 -17.73 13.80 1.19
N ARG B 123 -16.56 13.35 0.76
CA ARG B 123 -16.03 13.68 -0.55
C ARG B 123 -16.94 13.33 -1.71
N SER B 125 -20.33 12.48 -1.70
CA SER B 125 -21.71 12.96 -1.69
C SER B 125 -21.93 14.03 -2.79
N ARG B 133 -23.98 8.08 -13.37
CA ARG B 133 -22.61 8.25 -12.77
C ARG B 133 -21.65 7.19 -13.41
N PRO B 134 -20.44 7.58 -13.89
CA PRO B 134 -19.64 6.47 -14.42
C PRO B 134 -19.25 5.51 -13.28
N SER B 135 -18.80 4.30 -13.60
CA SER B 135 -18.25 3.39 -12.60
C SER B 135 -17.25 2.53 -13.31
N GLY B 136 -16.34 1.92 -12.55
CA GLY B 136 -15.18 1.25 -13.19
C GLY B 136 -13.98 1.29 -12.30
N ASN B 137 -12.85 0.90 -12.91
CA ASN B 137 -11.53 0.73 -12.27
C ASN B 137 -10.80 2.04 -12.19
N THR B 138 -10.02 2.22 -11.13
CA THR B 138 -9.20 3.44 -10.94
C THR B 138 -7.72 3.13 -11.07
N LEU B 139 -6.95 3.91 -11.86
CA LEU B 139 -5.50 3.84 -11.85
C LEU B 139 -5.02 5.04 -11.03
N ALA B 140 -4.47 4.79 -9.84
CA ALA B 140 -3.88 5.84 -9.03
C ALA B 140 -2.39 5.81 -9.18
N ALA B 141 -1.90 6.73 -9.97
CA ALA B 141 -0.52 6.86 -10.20
C ALA B 141 0.03 7.70 -9.04
N ILE B 142 -0.19 7.26 -7.80
CA ILE B 142 0.18 8.05 -6.59
C ILE B 142 1.02 7.17 -5.64
N PRO B 143 1.75 7.80 -4.67
CA PRO B 143 2.43 7.05 -3.56
C PRO B 143 1.47 6.23 -2.68
N THR B 144 1.90 5.03 -2.36
CA THR B 144 1.21 4.23 -1.37
C THR B 144 2.21 4.15 -0.23
N GLY B 145 2.54 2.92 0.23
CA GLY B 145 3.53 2.76 1.33
C GLY B 145 3.10 3.54 2.56
N PRO B 146 4.00 4.40 3.09
CA PRO B 146 3.71 5.28 4.23
C PRO B 146 2.74 6.45 4.02
N HIS B 147 2.32 6.73 2.78
CA HIS B 147 1.53 7.94 2.38
C HIS B 147 0.06 7.67 2.41
N ILE B 148 -0.64 8.46 3.21
CA ILE B 148 -2.05 8.29 3.47
C ILE B 148 -2.90 8.51 2.19
N VAL B 149 -2.42 9.30 1.24
CA VAL B 149 -3.09 9.54 -0.01
C VAL B 149 -3.42 8.20 -0.62
N GLY B 150 -2.46 7.30 -0.57
CA GLY B 150 -2.60 5.95 -1.08
C GLY B 150 -3.84 5.29 -0.50
N ALA B 151 -4.01 5.33 0.83
CA ALA B 151 -5.14 4.63 1.51
C ALA B 151 -6.50 5.31 1.25
N ILE B 152 -6.46 6.63 1.12
CA ILE B 152 -7.66 7.47 0.83
C ILE B 152 -8.19 7.17 -0.59
N ASN B 153 -7.27 7.05 -1.53
CA ASN B 153 -7.62 6.74 -2.90
C ASN B 153 -8.12 5.31 -3.13
N LYS B 154 -7.61 4.35 -2.32
CA LYS B 154 -8.14 2.96 -2.30
C LYS B 154 -9.61 2.95 -1.92
N GLU B 155 -9.92 3.63 -0.83
CA GLU B 155 -11.29 3.70 -0.34
C GLU B 155 -12.18 4.39 -1.39
N ARG B 156 -11.68 5.40 -2.09
CA ARG B 156 -12.52 6.04 -3.10
C ARG B 156 -12.66 5.05 -4.28
N ALA B 157 -11.58 4.40 -4.70
CA ALA B 157 -11.67 3.48 -5.81
C ALA B 157 -12.72 2.41 -5.53
N LEU B 158 -12.85 1.99 -4.27
CA LEU B 158 -13.82 0.98 -3.83
C LEU B 158 -15.28 1.49 -3.98
N ARG B 159 -15.56 2.73 -3.55
CA ARG B 159 -16.87 3.35 -3.82
C ARG B 159 -17.21 3.49 -5.36
N LEU B 160 -16.21 3.37 -6.21
CA LEU B 160 -16.46 3.61 -7.60
C LEU B 160 -16.71 2.34 -8.44
N GLY B 161 -17.00 1.20 -7.82
CA GLY B 161 -17.40 0.02 -8.58
C GLY B 161 -16.31 -0.59 -9.42
N GLY B 162 -15.07 -0.38 -9.04
CA GLY B 162 -13.99 -1.06 -9.72
C GLY B 162 -12.87 -1.47 -8.81
N PHE B 164 -8.76 -1.13 -7.65
CA PHE B 164 -7.72 -0.13 -7.41
C PHE B 164 -6.38 -0.58 -8.00
N PHE B 165 -5.94 0.13 -9.03
CA PHE B 165 -4.68 -0.19 -9.71
C PHE B 165 -3.72 0.89 -9.34
N SER B 166 -2.47 0.56 -9.11
CA SER B 166 -1.47 1.55 -8.72
C SER B 166 -0.18 1.28 -9.47
N ILE B 167 0.83 2.11 -9.19
CA ILE B 167 2.15 1.94 -9.78
C ILE B 167 3.21 2.05 -8.70
N ASP B 168 4.45 1.69 -8.99
CA ASP B 168 5.54 2.10 -8.13
C ASP B 168 5.93 3.57 -8.34
N ILE B 169 5.94 4.33 -7.24
CA ILE B 169 6.27 5.74 -7.33
C ILE B 169 6.83 6.14 -6.00
N ASP B 170 8.13 6.47 -6.02
CA ASP B 170 8.90 6.87 -4.85
C ASP B 170 8.96 8.39 -4.79
N PRO B 171 7.98 9.04 -4.12
CA PRO B 171 7.99 10.51 -4.14
C PRO B 171 9.16 11.16 -3.40
N ARG B 172 9.81 10.44 -2.49
CA ARG B 172 10.90 10.99 -1.70
C ARG B 172 12.15 11.09 -2.56
N TRP B 173 12.32 10.08 -3.41
CA TRP B 173 13.39 10.05 -4.35
C TRP B 173 13.29 11.18 -5.37
N VAL B 174 12.07 11.56 -5.74
CA VAL B 174 11.83 12.63 -6.69
C VAL B 174 12.12 13.97 -5.99
N LYS B 175 11.62 14.16 -4.77
CA LYS B 175 11.96 15.33 -3.94
C LYS B 175 13.47 15.51 -3.77
N ARG B 176 14.12 14.49 -3.21
CA ARG B 176 15.57 14.44 -3.00
C ARG B 176 16.36 14.72 -4.27
N SER B 177 15.91 14.14 -5.38
CA SER B 177 16.55 14.37 -6.67
C SER B 177 16.46 15.82 -7.19
N LEU B 178 15.48 16.59 -6.74
CA LEU B 178 15.35 18.01 -7.10
C LEU B 178 16.30 18.82 -6.22
N SER B 179 16.08 18.76 -4.91
CA SER B 179 17.01 19.31 -3.91
C SER B 179 18.51 19.08 -4.22
N GLU B 180 18.85 18.25 -5.19
CA GLU B 180 20.22 18.10 -5.59
C GLU B 180 20.41 18.55 -7.02
N GLY B 181 19.37 19.19 -7.59
CA GLY B 181 19.33 19.61 -8.99
C GLY B 181 19.88 18.58 -9.96
N ASP B 182 19.63 17.30 -9.66
CA ASP B 182 19.93 16.22 -10.57
C ASP B 182 18.72 15.97 -11.44
N THR B 183 18.35 16.95 -12.28
CA THR B 183 17.14 16.89 -13.08
C THR B 183 17.24 15.93 -14.28
N ALA B 184 18.39 15.27 -14.43
CA ALA B 184 18.63 14.22 -15.43
C ALA B 184 17.92 12.92 -15.01
N THR B 185 18.12 12.57 -13.72
CA THR B 185 17.35 11.55 -12.98
C THR B 185 15.85 11.79 -12.92
N VAL B 186 15.49 13.02 -12.60
CA VAL B 186 14.12 13.44 -12.50
C VAL B 186 13.43 13.22 -13.83
N ARG B 187 14.05 13.69 -14.94
CA ARG B 187 13.50 13.40 -16.28
C ARG B 187 13.27 11.88 -16.51
N LYS B 188 14.34 11.11 -16.34
CA LYS B 188 14.37 9.64 -16.46
C LYS B 188 13.36 8.93 -15.53
N TYR B 189 13.21 9.41 -14.28
CA TYR B 189 12.24 8.83 -13.35
C TYR B 189 10.78 9.01 -13.80
N THR B 190 10.41 10.23 -14.18
CA THR B 190 9.09 10.57 -14.64
C THR B 190 8.71 9.75 -15.83
N HIS B 191 9.73 9.48 -16.63
CA HIS B 191 9.65 8.71 -17.84
C HIS B 191 9.17 7.29 -17.50
N HIS B 192 9.84 6.70 -16.52
CA HIS B 192 9.54 5.40 -15.91
C HIS B 192 8.17 5.39 -15.25
N LEU B 193 7.80 6.47 -14.60
CA LEU B 193 6.42 6.56 -14.11
C LEU B 193 5.47 6.42 -15.25
N VAL B 194 5.73 7.16 -16.32
CA VAL B 194 4.75 7.33 -17.41
C VAL B 194 4.63 6.02 -18.14
N ASP B 195 5.74 5.33 -18.32
CA ASP B 195 5.70 3.96 -18.88
C ASP B 195 4.79 3.01 -18.11
N GLN B 196 4.86 3.03 -16.77
CA GLN B 196 3.96 2.27 -15.90
C GLN B 196 2.52 2.57 -16.18
N VAL B 197 2.22 3.85 -16.33
CA VAL B 197 0.84 4.32 -16.46
C VAL B 197 0.26 3.94 -17.80
N GLN B 198 1.11 4.02 -18.82
CA GLN B 198 0.76 3.62 -20.17
C GLN B 198 0.36 2.11 -20.19
N ASN B 199 1.27 1.27 -19.72
CA ASN B 199 0.97 -0.14 -19.50
C ASN B 199 -0.40 -0.51 -18.95
N THR B 200 -0.83 0.14 -17.90
CA THR B 200 -2.14 -0.19 -17.38
C THR B 200 -3.27 0.40 -18.17
N LEU B 201 -3.10 1.63 -18.65
CA LEU B 201 -4.16 2.22 -19.51
C LEU B 201 -4.41 1.33 -20.75
N ASN B 203 -3.51 -2.07 -21.18
CA ASN B 203 -3.81 -3.46 -20.94
C ASN B 203 -5.07 -3.81 -20.14
N GLN B 204 -5.59 -2.85 -19.37
CA GLN B 204 -6.77 -2.99 -18.53
C GLN B 204 -7.70 -1.82 -18.76
N ASP B 205 -8.99 -2.03 -18.51
CA ASP B 205 -9.99 -0.98 -18.65
C ASP B 205 -10.08 0.00 -17.45
N ILE B 206 -9.32 1.08 -17.57
CA ILE B 206 -9.35 2.16 -16.56
C ILE B 206 -10.43 3.24 -16.85
N ARG B 207 -11.36 3.45 -15.93
CA ARG B 207 -12.33 4.58 -15.96
C ARG B 207 -11.82 5.91 -15.28
N PHE B 208 -10.98 5.79 -14.25
CA PHE B 208 -10.62 6.89 -13.38
C PHE B 208 -9.15 6.88 -13.22
N LEU B 209 -8.53 8.02 -13.53
CA LEU B 209 -7.09 8.30 -13.39
C LEU B 209 -6.81 9.36 -12.33
N VAL B 210 -5.79 9.08 -11.50
CA VAL B 210 -5.39 9.99 -10.44
C VAL B 210 -3.91 10.12 -10.65
N THR B 211 -3.46 11.35 -10.85
CA THR B 211 -2.08 11.60 -11.23
C THR B 211 -1.76 13.07 -10.91
N THR B 212 -0.60 13.51 -11.39
CA THR B 212 -0.11 14.90 -11.31
C THR B 212 0.20 15.46 -12.71
N PRO B 213 0.15 16.83 -12.87
CA PRO B 213 0.57 17.57 -14.12
C PRO B 213 1.84 17.07 -14.82
N PRO B 214 3.02 17.05 -14.13
CA PRO B 214 4.13 16.55 -14.93
C PRO B 214 3.85 15.19 -15.58
N VAL B 215 3.11 14.29 -14.90
CA VAL B 215 2.97 12.91 -15.44
C VAL B 215 1.98 12.89 -16.61
N LEU B 216 0.80 13.49 -16.40
CA LEU B 216 -0.16 13.70 -17.44
C LEU B 216 0.44 14.42 -18.68
N ARG B 217 1.20 15.50 -18.46
CA ARG B 217 1.86 16.25 -19.54
C ARG B 217 2.56 15.31 -20.54
N GLU B 218 3.31 14.33 -20.02
CA GLU B 218 4.13 13.43 -20.82
C GLU B 218 3.39 12.28 -21.42
N LEU B 219 2.23 11.96 -20.84
CA LEU B 219 1.29 10.94 -21.35
C LEU B 219 0.62 11.41 -22.63
N LEU B 220 0.27 12.70 -22.64
CA LEU B 220 -0.45 13.31 -23.75
C LEU B 220 0.44 13.42 -25.03
N LYS B 221 1.73 13.16 -24.88
CA LYS B 221 2.74 13.11 -25.93
C LYS B 221 2.92 11.71 -26.55
N ARG B 222 2.06 10.77 -26.17
CA ARG B 222 2.04 9.35 -26.64
C ARG B 222 0.68 9.08 -27.26
N PRO B 223 0.57 9.24 -28.59
CA PRO B 223 -0.76 9.36 -29.23
C PRO B 223 -1.71 8.13 -29.11
N GLU B 224 -1.14 6.92 -29.04
CA GLU B 224 -1.96 5.67 -28.82
C GLU B 224 -2.65 5.68 -27.43
N VAL B 225 -1.84 6.08 -26.45
CA VAL B 225 -2.26 6.32 -25.07
C VAL B 225 -3.34 7.38 -25.10
N VAL B 226 -3.09 8.48 -25.80
CA VAL B 226 -4.13 9.50 -25.98
C VAL B 226 -5.47 8.96 -26.51
N LEU B 227 -5.39 8.07 -27.50
CA LEU B 227 -6.58 7.47 -28.10
C LEU B 227 -7.37 6.57 -27.14
N GLN B 228 -6.65 5.74 -26.40
CA GLN B 228 -7.26 4.95 -25.31
C GLN B 228 -7.99 5.81 -24.28
N LYS B 230 -9.25 8.78 -24.70
CA LYS B 230 -10.50 9.26 -25.35
C LYS B 230 -11.63 8.21 -25.23
N GLN B 231 -11.30 6.94 -25.46
CA GLN B 231 -12.33 5.87 -25.35
C GLN B 231 -12.83 5.58 -23.90
N SER B 232 -11.86 5.45 -22.97
CA SER B 232 -12.08 4.92 -21.60
C SER B 232 -12.31 5.89 -20.41
N LEU B 233 -11.57 6.98 -20.31
CA LEU B 233 -11.56 7.86 -19.07
C LEU B 233 -12.73 8.82 -18.88
N ALA B 234 -13.44 8.67 -17.76
CA ALA B 234 -14.58 9.47 -17.39
C ALA B 234 -14.16 10.62 -16.44
N GLN B 235 -13.00 10.47 -15.83
CA GLN B 235 -12.48 11.46 -14.88
C GLN B 235 -10.97 11.36 -14.62
N ILE B 236 -10.35 12.53 -14.62
CA ILE B 236 -9.01 12.72 -14.18
C ILE B 236 -9.02 13.61 -12.90
N THR B 237 -8.30 13.14 -11.88
CA THR B 237 -7.95 13.91 -10.68
C THR B 237 -6.48 14.31 -10.72
N LEU B 238 -6.23 15.59 -10.50
CA LEU B 238 -4.87 16.10 -10.43
C LEU B 238 -4.59 16.53 -9.02
N GLY B 239 -3.43 16.16 -8.57
CA GLY B 239 -3.03 16.40 -7.20
C GLY B 239 -1.80 17.29 -7.15
N GLY B 240 -1.54 17.81 -5.96
CA GLY B 240 -0.40 18.67 -5.71
C GLY B 240 -0.76 20.13 -5.76
N THR B 241 0.29 20.93 -5.82
CA THR B 241 0.20 22.37 -5.63
C THR B 241 0.89 23.11 -6.79
N GLU B 242 1.30 22.36 -7.82
CA GLU B 242 1.82 22.94 -9.05
C GLU B 242 0.93 22.75 -10.29
N LEU B 243 -0.32 23.17 -10.12
CA LEU B 243 -1.38 23.14 -11.13
C LEU B 243 -1.46 24.44 -11.96
N ASN B 244 -1.34 24.28 -13.29
CA ASN B 244 -1.49 25.39 -14.22
C ASN B 244 -2.88 25.28 -14.78
N LEU B 245 -3.80 26.10 -14.27
CA LEU B 245 -5.22 26.10 -14.68
C LEU B 245 -5.51 26.24 -16.19
N ASP B 246 -4.62 26.94 -16.89
CA ASP B 246 -4.80 27.19 -18.30
C ASP B 246 -4.54 25.92 -19.06
N GLU B 247 -3.45 25.25 -18.67
CA GLU B 247 -3.07 23.96 -19.24
C GLU B 247 -4.22 22.95 -19.11
N ILE B 248 -4.76 22.82 -17.91
CA ILE B 248 -5.92 21.91 -17.65
C ILE B 248 -7.15 22.23 -18.51
N LYS B 249 -7.58 23.49 -18.53
CA LYS B 249 -8.72 23.97 -19.40
C LYS B 249 -8.64 23.57 -20.90
N PHE B 250 -7.45 23.75 -21.45
CA PHE B 250 -7.13 23.39 -22.79
C PHE B 250 -7.31 21.89 -23.00
N ILE B 251 -6.58 21.10 -22.18
CA ILE B 251 -6.60 19.61 -22.16
C ILE B 251 -8.05 19.17 -22.17
N ALA B 252 -8.84 19.74 -21.26
CA ALA B 252 -10.24 19.40 -21.14
C ALA B 252 -11.15 19.73 -22.36
N SER B 253 -10.88 20.83 -23.06
CA SER B 253 -11.79 21.27 -24.13
C SER B 253 -11.39 20.66 -25.46
N GLU B 254 -10.08 20.60 -25.70
CA GLU B 254 -9.54 20.20 -26.98
C GLU B 254 -9.19 18.74 -27.06
N ILE B 255 -8.71 18.17 -25.95
CA ILE B 255 -7.97 16.89 -26.00
C ILE B 255 -8.70 15.71 -25.35
N LEU B 256 -9.36 15.97 -24.23
CA LEU B 256 -10.14 14.96 -23.53
C LEU B 256 -11.50 15.55 -23.22
N PRO B 257 -12.30 15.78 -24.29
CA PRO B 257 -13.59 16.46 -24.19
C PRO B 257 -14.65 15.72 -23.36
N ASP B 258 -14.49 14.39 -23.23
CA ASP B 258 -15.49 13.57 -22.50
C ASP B 258 -15.09 13.26 -21.04
N CYS B 259 -13.85 13.61 -20.70
CA CYS B 259 -13.33 13.41 -19.37
C CYS B 259 -13.55 14.63 -18.45
N GLU B 260 -14.31 14.48 -17.34
CA GLU B 260 -14.27 15.44 -16.20
C GLU B 260 -12.88 15.64 -15.52
N PHE B 261 -12.56 16.89 -15.15
CA PHE B 261 -11.35 17.25 -14.41
C PHE B 261 -11.67 17.88 -13.10
N SER B 262 -10.88 17.51 -12.09
CA SER B 262 -10.92 18.09 -10.75
C SER B 262 -9.53 17.98 -10.12
N ALA B 263 -9.37 18.66 -8.99
CA ALA B 263 -8.08 18.70 -8.29
C ALA B 263 -8.25 18.17 -6.87
N SER B 264 -7.16 17.58 -6.39
CA SER B 264 -7.11 17.09 -5.01
C SER B 264 -5.95 17.78 -4.26
N TYR B 265 -6.26 18.28 -3.08
CA TYR B 265 -5.25 18.93 -2.28
C TYR B 265 -5.00 18.11 -1.01
N GLY B 266 -3.84 17.42 -0.98
CA GLY B 266 -3.40 16.55 0.14
C GLY B 266 -2.97 17.30 1.40
N SER B 267 -3.50 16.89 2.55
CA SER B 267 -2.90 17.26 3.86
C SER B 267 -2.69 16.06 4.84
N THR B 268 -1.60 15.31 4.69
CA THR B 268 -1.24 14.27 5.66
C THR B 268 -1.41 14.76 7.07
N SER B 269 -1.05 16.02 7.24
CA SER B 269 -1.11 16.64 8.54
C SER B 269 -2.48 16.61 9.21
N ALA B 270 -3.54 16.76 8.40
CA ALA B 270 -4.92 16.67 8.89
C ALA B 270 -5.59 15.31 8.59
N LEU B 271 -4.76 14.36 8.16
CA LEU B 271 -5.22 12.99 7.83
C LEU B 271 -6.16 12.99 6.61
N GLY B 272 -6.01 13.95 5.70
CA GLY B 272 -7.06 14.19 4.73
C GLY B 272 -6.72 14.67 3.33
N VAL B 273 -7.75 14.86 2.51
CA VAL B 273 -7.63 15.55 1.23
C VAL B 273 -8.80 16.53 1.13
N SER B 274 -8.61 17.55 0.30
CA SER B 274 -9.70 18.49 0.05
C SER B 274 -10.07 18.47 -1.45
N ARG B 275 -11.36 18.66 -1.74
CA ARG B 275 -11.84 18.49 -3.16
C ARG B 275 -12.02 19.84 -3.80
N SER B 276 -11.56 19.97 -5.05
CA SER B 276 -11.91 21.14 -5.86
C SER B 276 -13.35 21.11 -6.47
N LEU B 277 -13.73 22.26 -7.00
CA LEU B 277 -14.86 22.35 -7.89
C LEU B 277 -14.41 21.71 -9.20
N LEU B 278 -15.37 21.21 -9.97
CA LEU B 278 -15.04 20.72 -11.30
C LEU B 278 -14.30 21.80 -12.11
N ILE B 279 -13.34 21.39 -12.92
CA ILE B 279 -12.57 22.35 -13.70
C ILE B 279 -13.20 22.41 -15.11
N THR B 280 -13.91 23.53 -15.36
CA THR B 280 -14.60 23.82 -16.64
C THR B 280 -13.97 24.98 -17.43
N SER B 281 -14.51 25.23 -18.63
CA SER B 281 -14.17 26.39 -19.49
C SER B 281 -14.35 27.72 -18.74
N GLU B 282 -15.43 27.76 -17.97
CA GLU B 282 -15.82 28.79 -17.01
C GLU B 282 -14.93 29.01 -15.75
N SER B 283 -13.97 28.11 -15.50
CA SER B 283 -13.11 28.17 -14.28
C SER B 283 -12.13 29.33 -14.25
N GLN B 284 -12.27 30.19 -13.24
CA GLN B 284 -11.35 31.32 -13.09
C GLN B 284 -10.27 31.00 -12.03
N GLN B 285 -10.66 30.21 -11.03
CA GLN B 285 -9.70 29.62 -10.09
C GLN B 285 -9.91 28.11 -9.90
N VAL B 286 -8.87 27.40 -9.43
CA VAL B 286 -9.12 26.13 -8.70
C VAL B 286 -9.47 26.40 -7.21
N ILE B 287 -10.65 25.99 -6.81
CA ILE B 287 -11.15 26.37 -5.52
C ILE B 287 -11.46 25.08 -4.74
N TYR B 288 -10.92 24.98 -3.52
CA TYR B 288 -11.03 23.76 -2.71
C TYR B 288 -11.84 23.96 -1.49
N ASP B 289 -12.59 22.89 -1.13
CA ASP B 289 -13.52 22.86 -0.01
C ASP B 289 -12.98 21.75 0.97
N SER B 290 -13.09 21.88 2.30
CA SER B 290 -12.57 20.84 3.20
C SER B 290 -13.63 20.11 3.96
N PHE B 291 -13.27 18.98 4.58
CA PHE B 291 -14.24 18.17 5.40
C PHE B 291 -14.51 18.83 6.74
N SER B 292 -15.08 20.01 6.70
CA SER B 292 -15.34 20.80 7.90
C SER B 292 -16.50 20.16 8.69
N PRO B 293 -16.55 20.19 10.05
CA PRO B 293 -15.60 20.80 11.00
C PRO B 293 -14.39 19.91 11.36
N PHE B 294 -14.30 18.68 10.84
CA PHE B 294 -13.13 17.80 11.13
C PHE B 294 -11.80 18.35 10.66
N ILE B 295 -11.77 18.79 9.40
CA ILE B 295 -10.64 19.43 8.79
C ILE B 295 -11.04 20.89 8.44
N THR B 296 -10.38 21.89 9.07
CA THR B 296 -10.59 23.31 8.77
C THR B 296 -9.31 24.11 8.38
N TYR B 297 -9.43 25.01 7.41
CA TYR B 297 -8.35 25.92 7.01
C TYR B 297 -8.47 27.34 7.55
N ASP B 298 -7.31 27.93 7.76
CA ASP B 298 -7.15 29.33 8.05
C ASP B 298 -6.04 29.76 7.08
N VAL B 299 -6.01 31.04 6.74
CA VAL B 299 -5.07 31.54 5.77
C VAL B 299 -4.54 32.78 6.44
N VAL B 300 -3.23 32.81 6.66
CA VAL B 300 -2.67 33.78 7.61
C VAL B 300 -1.48 34.51 7.08
N ASP B 301 -1.25 35.70 7.65
CA ASP B 301 -0.02 36.44 7.34
C ASP B 301 1.24 35.67 7.82
N SER B 302 2.30 35.61 7.03
CA SER B 302 3.47 34.83 7.37
C SER B 302 4.28 35.33 8.56
N ILE B 303 4.05 36.57 8.97
CA ILE B 303 4.79 37.08 10.13
C ILE B 303 3.87 37.10 11.33
N THR B 304 2.67 37.67 11.17
CA THR B 304 1.77 37.89 12.32
C THR B 304 0.92 36.67 12.67
N ALA B 305 0.76 35.76 11.67
CA ALA B 305 -0.11 34.55 11.77
C ALA B 305 -1.57 34.93 11.96
N GLN B 306 -1.91 36.17 11.61
CA GLN B 306 -3.29 36.64 11.57
C GLN B 306 -3.92 36.36 10.23
N THR B 307 -5.17 35.97 10.31
CA THR B 307 -6.02 35.65 9.20
C THR B 307 -6.02 36.82 8.22
N VAL B 308 -5.79 36.53 6.95
CA VAL B 308 -5.89 37.58 5.97
C VAL B 308 -7.34 37.88 5.62
N GLU B 309 -7.52 38.92 4.77
CA GLU B 309 -8.85 39.29 4.19
C GLU B 309 -9.17 38.30 3.08
N TYR B 310 -10.46 38.11 2.80
CA TYR B 310 -10.89 37.32 1.64
C TYR B 310 -10.30 37.86 0.39
N GLY B 311 -9.82 37.00 -0.50
CA GLY B 311 -9.16 37.48 -1.72
C GLY B 311 -7.67 37.68 -1.57
N GLU B 312 -7.21 37.84 -0.34
CA GLU B 312 -5.75 37.86 -0.12
C GLU B 312 -5.14 36.44 -0.10
N ARG B 313 -3.84 36.37 -0.37
CA ARG B 313 -3.05 35.20 -0.29
C ARG B 313 -2.27 35.18 1.05
N GLY B 314 -2.33 34.05 1.76
CA GLY B 314 -1.49 33.86 2.95
C GLY B 314 -1.03 32.43 3.09
N ASN B 315 -0.46 32.12 4.23
CA ASN B 315 0.07 30.81 4.56
C ASN B 315 -1.06 29.89 4.98
N VAL B 316 -1.03 28.66 4.51
CA VAL B 316 -2.13 27.70 4.83
C VAL B 316 -1.92 27.02 6.22
N ILE B 317 -2.93 27.08 7.09
CA ILE B 317 -2.93 26.55 8.41
C ILE B 317 -4.11 25.51 8.48
N VAL B 318 -3.79 24.26 8.84
CA VAL B 318 -4.81 23.21 8.85
C VAL B 318 -5.00 22.63 10.26
N THR B 319 -6.26 22.38 10.64
CA THR B 319 -6.57 21.83 11.95
C THR B 319 -7.41 20.57 11.70
N HIS B 320 -6.98 19.45 12.30
CA HIS B 320 -7.79 18.23 12.37
C HIS B 320 -8.33 18.11 13.78
N LEU B 321 -9.65 17.94 13.90
CA LEU B 321 -10.27 17.66 15.16
C LEU B 321 -11.35 16.64 14.85
N SER B 322 -11.32 15.51 15.60
CA SER B 322 -12.22 14.37 15.40
C SER B 322 -12.03 13.41 16.56
N PRO B 323 -12.94 12.42 16.69
CA PRO B 323 -12.70 11.32 17.69
C PRO B 323 -11.33 10.63 17.54
N TRP B 324 -10.74 10.63 16.34
CA TRP B 324 -9.57 9.82 16.02
C TRP B 324 -8.24 10.52 16.33
N ALA B 325 -8.25 11.84 16.21
CA ALA B 325 -7.04 12.62 16.25
C ALA B 325 -7.30 14.08 16.64
N PHE B 326 -6.27 14.79 17.07
CA PHE B 326 -6.36 16.21 17.26
C PHE B 326 -5.01 16.81 16.85
N TYR B 327 -4.97 17.50 15.73
CA TYR B 327 -3.71 18.21 15.32
C TYR B 327 -4.03 19.66 15.07
N PRO B 328 -3.88 20.48 16.13
CA PRO B 328 -4.32 21.89 15.99
C PRO B 328 -3.29 22.77 15.19
N ARG B 329 -3.82 23.71 14.36
CA ARG B 329 -3.03 24.85 13.87
C ARG B 329 -1.75 24.45 13.17
N VAL B 330 -1.83 23.46 12.29
CA VAL B 330 -0.62 22.94 11.60
C VAL B 330 -0.24 23.95 10.49
N ALA B 331 0.98 24.43 10.53
CA ALA B 331 1.49 25.38 9.55
C ALA B 331 2.00 24.58 8.37
N GLU B 332 1.21 24.55 7.30
CA GLU B 332 1.65 23.90 6.05
C GLU B 332 2.68 24.74 5.29
N ARG B 333 3.26 24.11 4.28
CA ARG B 333 4.28 24.68 3.44
C ARG B 333 3.77 25.33 2.13
N ASP B 334 2.55 25.88 2.17
CA ASP B 334 1.78 26.28 1.01
C ASP B 334 1.13 27.58 1.30
N THR B 335 0.79 28.31 0.23
CA THR B 335 -0.03 29.53 0.34
C THR B 335 -1.26 29.37 -0.47
N ALA B 336 -2.30 30.13 -0.12
CA ALA B 336 -3.51 30.12 -0.91
C ALA B 336 -4.23 31.45 -0.78
N ILE B 337 -5.19 31.64 -1.68
CA ILE B 337 -6.10 32.74 -1.62
C ILE B 337 -7.19 32.31 -0.72
N ARG B 338 -7.52 33.13 0.26
CA ARG B 338 -8.57 32.85 1.21
C ARG B 338 -9.96 33.19 0.65
N LEU B 339 -10.88 32.21 0.62
CA LEU B 339 -12.25 32.46 0.19
C LEU B 339 -13.14 32.10 1.33
N PRO B 340 -14.34 32.71 1.35
CA PRO B 340 -15.35 32.41 2.34
C PRO B 340 -15.68 30.93 2.36
N GLY B 341 -15.88 30.41 3.56
CA GLY B 341 -16.23 28.99 3.64
C GLY B 341 -17.66 28.81 3.18
N VAL B 342 -17.98 27.57 2.79
CA VAL B 342 -19.37 27.16 2.56
C VAL B 342 -20.17 27.60 3.77
N SER B 343 -21.38 28.09 3.51
CA SER B 343 -22.16 28.83 4.51
C SER B 343 -22.71 27.90 5.64
N GLY B 344 -22.60 28.36 6.90
CA GLY B 344 -22.95 27.55 8.09
C GLY B 344 -21.82 26.61 8.54
N PHE B 345 -20.73 26.62 7.75
CA PHE B 345 -19.55 25.78 7.98
C PHE B 345 -18.33 26.55 8.49
N ALA B 346 -17.69 25.97 9.52
CA ALA B 346 -16.38 26.41 10.01
C ALA B 346 -15.34 26.25 8.94
N GLY B 347 -14.37 27.16 8.95
CA GLY B 347 -13.24 27.07 8.08
C GLY B 347 -13.39 27.83 6.77
N ASP B 348 -12.25 28.13 6.14
CA ASP B 348 -12.16 28.83 4.90
C ASP B 348 -12.06 27.85 3.72
N ARG B 349 -12.29 28.43 2.53
CA ARG B 349 -11.95 27.76 1.29
C ARG B 349 -10.68 28.26 0.80
N LEU B 350 -10.03 27.47 -0.04
CA LEU B 350 -8.76 27.88 -0.63
C LEU B 350 -8.89 27.98 -2.13
N ALA B 351 -8.12 28.84 -2.77
CA ALA B 351 -7.97 28.83 -4.24
C ALA B 351 -6.50 28.94 -4.59
N ASP B 352 -6.15 28.34 -5.72
CA ASP B 352 -4.86 28.52 -6.34
C ASP B 352 -3.73 28.39 -5.35
N ILE B 353 -3.54 27.15 -4.87
CA ILE B 353 -2.54 26.82 -3.88
C ILE B 353 -1.19 26.84 -4.53
N GLU B 354 -0.19 27.37 -3.84
CA GLU B 354 1.13 27.37 -4.40
C GLU B 354 2.03 26.85 -3.32
N PRO B 355 3.17 26.26 -3.70
CA PRO B 355 4.16 25.91 -2.64
C PRO B 355 4.94 27.13 -2.19
N LEU B 356 5.37 27.17 -0.92
CA LEU B 356 6.37 28.15 -0.48
C LEU B 356 7.78 27.88 -1.10
N LYS B 357 8.52 28.96 -1.41
CA LYS B 357 9.92 28.86 -1.95
C LYS B 357 11.04 28.71 -0.89
#